data_7QY8
#
_entry.id   7QY8
#
_cell.length_a   80.059
_cell.length_b   80.059
_cell.length_c   349.789
_cell.angle_alpha   90.000
_cell.angle_beta   90.000
_cell.angle_gamma   90.000
#
_symmetry.space_group_name_H-M   'P 41 21 2'
#
loop_
_entity.id
_entity.type
_entity.pdbx_description
1 polymer 'BNR/Asp-box repeat protein'
2 non-polymer 3-sialyllactose
3 water water
#
_entity_poly.entity_id   1
_entity_poly.type   'polypeptide(L)'
_entity_poly.pdbx_seq_one_letter_code
;DSVYVQNPQIPILVDRTDNVLFRIRIPDATKGDVLNRLTIRFGNEDKLSEVKAVRLFYAGTEAATKGRSRFAPVTYVSSH
NIRNTRSANPSYSIRQDEVTTVANTLTLKTRQPMVKGINYFWVSVEMDRNTSLLSKLTSTVTEVVINDKPAVIAGEQAAV
RRMGIGVRHAGDDGSASFRIPGLVTTNKGTLLGVYDVRYNNSVALQEHIDVGLSRSTDKGQTWEPMRIAMSFGETDGLPS
GQNGVGDPSILVDERTNTVWVVAAWTHGMGNARAWTNSMPGMTPDETAQLMMVKSTDDGRTWSESTNITSQVKDPSWCFL
LQGPGRGITMRDGTLVFPIQFIDSLRVPHAGIMYSKDRGETWHIHQPARTNTTEAQVAEVEPGVLMLNMRDNRGGSRAVS
ITRDLGKSWTEHSSNRSALPESICMASLISVKAKDNIIGKDLLLFSNPNTTEGRHHITIKASLDGGVTWLPAHQVLLDEE
DGWGYSCLSMIDRETVGIFYESSVAHMTFQAVKIKDLIR
;
_entity_poly.pdbx_strand_id   A,B
#
loop_
_chem_comp.id
_chem_comp.type
_chem_comp.name
_chem_comp.formula
I2K non-polymer 3-sialyllactose 'C23 H39 N O19'
#
# COMPACT_ATOMS: atom_id res chain seq x y z
N ASP A 1 -7.93 40.40 -4.43
CA ASP A 1 -7.17 39.52 -3.48
C ASP A 1 -5.90 39.05 -4.16
N SER A 2 -4.99 38.41 -3.40
CA SER A 2 -3.64 37.98 -3.87
C SER A 2 -3.67 36.52 -4.36
N VAL A 3 -2.66 36.16 -5.15
CA VAL A 3 -2.37 34.77 -5.62
C VAL A 3 -0.99 34.37 -5.10
N TYR A 4 -0.84 33.12 -4.66
CA TYR A 4 0.40 32.58 -4.06
C TYR A 4 1.03 31.56 -5.01
N VAL A 5 2.35 31.70 -5.21
CA VAL A 5 3.17 30.83 -6.09
C VAL A 5 4.28 30.20 -5.24
N GLN A 6 4.54 28.91 -5.44
CA GLN A 6 5.73 28.22 -4.89
C GLN A 6 6.51 27.63 -6.07
N ASN A 7 7.84 27.79 -6.04
CA ASN A 7 8.80 27.10 -6.94
C ASN A 7 9.55 26.07 -6.09
N PRO A 8 9.06 24.81 -6.00
CA PRO A 8 9.61 23.83 -5.08
C PRO A 8 11.01 23.34 -5.49
N GLN A 9 11.98 23.41 -4.58
CA GLN A 9 13.37 22.91 -4.85
C GLN A 9 13.34 21.38 -4.82
N ILE A 10 12.82 20.77 -5.88
CA ILE A 10 12.85 19.30 -6.12
C ILE A 10 13.45 19.04 -7.49
N PRO A 11 14.07 17.86 -7.72
CA PRO A 11 14.66 17.55 -9.01
C PRO A 11 13.60 17.52 -10.13
N ILE A 12 13.93 18.16 -11.26
CA ILE A 12 13.26 18.01 -12.59
C ILE A 12 13.89 16.79 -13.27
N LEU A 13 13.16 15.68 -13.34
CA LEU A 13 13.61 14.40 -13.94
C LEU A 13 13.50 14.48 -15.46
N VAL A 14 14.62 14.23 -16.15
CA VAL A 14 14.77 14.31 -17.63
C VAL A 14 13.99 13.15 -18.28
N ASP A 15 13.70 12.09 -17.52
CA ASP A 15 13.03 10.86 -18.00
C ASP A 15 11.54 10.86 -17.60
N ARG A 16 11.04 11.96 -17.05
CA ARG A 16 9.62 12.07 -16.64
C ARG A 16 8.83 12.82 -17.71
N THR A 17 7.52 12.51 -17.81
CA THR A 17 6.54 13.25 -18.63
C THR A 17 6.17 14.55 -17.92
N ASP A 18 5.92 14.49 -16.61
CA ASP A 18 5.53 15.66 -15.77
C ASP A 18 6.52 15.85 -14.62
N ASN A 19 6.85 17.12 -14.34
CA ASN A 19 7.62 17.58 -13.18
C ASN A 19 6.97 18.87 -12.70
N VAL A 20 6.75 19.02 -11.40
CA VAL A 20 6.14 20.25 -10.80
C VAL A 20 7.17 21.39 -10.89
N LEU A 21 6.91 22.39 -11.75
CA LEU A 21 7.74 23.63 -11.84
C LEU A 21 7.19 24.67 -10.84
N PHE A 22 5.89 24.90 -10.87
CA PHE A 22 5.19 25.87 -9.99
C PHE A 22 3.92 25.19 -9.43
N ARG A 23 3.65 25.39 -8.14
CA ARG A 23 2.31 25.15 -7.54
C ARG A 23 1.69 26.53 -7.28
N ILE A 24 0.38 26.64 -7.48
CA ILE A 24 -0.33 27.95 -7.38
C ILE A 24 -1.59 27.75 -6.52
N ARG A 25 -1.73 28.56 -5.46
CA ARG A 25 -2.94 28.64 -4.60
C ARG A 25 -3.63 30.00 -4.83
N ILE A 26 -4.87 29.96 -5.32
CA ILE A 26 -5.80 31.12 -5.36
C ILE A 26 -6.78 30.92 -4.22
N PRO A 27 -6.57 31.59 -3.06
CA PRO A 27 -7.27 31.24 -1.83
C PRO A 27 -8.70 31.77 -1.70
N ASP A 28 -9.03 32.89 -2.36
CA ASP A 28 -10.25 33.71 -2.07
C ASP A 28 -11.08 33.91 -3.34
N ALA A 29 -11.28 32.87 -4.14
CA ALA A 29 -11.98 32.93 -5.44
C ALA A 29 -13.49 33.06 -5.22
N THR A 30 -14.15 33.83 -6.09
CA THR A 30 -15.63 33.89 -6.25
C THR A 30 -16.03 32.82 -7.28
N LYS A 31 -17.10 32.07 -7.01
CA LYS A 31 -17.60 31.02 -7.94
C LYS A 31 -17.74 31.62 -9.34
N GLY A 32 -17.03 31.09 -10.33
CA GLY A 32 -17.09 31.52 -11.73
C GLY A 32 -15.84 32.28 -12.19
N ASP A 33 -14.97 32.70 -11.25
CA ASP A 33 -13.67 33.37 -11.58
C ASP A 33 -12.88 32.47 -12.53
N VAL A 34 -12.19 33.05 -13.50
CA VAL A 34 -11.42 32.32 -14.54
C VAL A 34 -10.00 32.87 -14.57
N LEU A 35 -9.01 31.99 -14.34
CA LEU A 35 -7.58 32.23 -14.61
C LEU A 35 -7.41 32.26 -16.15
N ASN A 36 -7.55 33.45 -16.74
CA ASN A 36 -7.54 33.66 -18.21
C ASN A 36 -6.15 33.32 -18.76
N ARG A 37 -5.10 33.85 -18.14
CA ARG A 37 -3.70 33.81 -18.64
C ARG A 37 -2.73 33.86 -17.46
N LEU A 38 -1.62 33.14 -17.60
CA LEU A 38 -0.53 33.07 -16.61
C LEU A 38 0.77 33.17 -17.41
N THR A 39 1.66 34.11 -17.10
CA THR A 39 2.92 34.32 -17.85
C THR A 39 4.11 33.85 -16.99
N ILE A 40 4.97 33.01 -17.59
CA ILE A 40 6.22 32.47 -16.99
C ILE A 40 7.40 33.11 -17.71
N ARG A 41 8.43 33.52 -16.96
CA ARG A 41 9.68 34.13 -17.50
C ARG A 41 10.87 33.27 -17.05
N PHE A 42 11.74 32.92 -18.01
CA PHE A 42 12.98 32.13 -17.78
C PHE A 42 14.21 33.06 -17.90
N GLY A 43 15.25 32.80 -17.11
CA GLY A 43 16.53 33.54 -17.13
C GLY A 43 17.13 33.57 -18.52
N ASN A 44 17.84 34.65 -18.88
CA ASN A 44 18.36 34.92 -20.24
C ASN A 44 19.31 33.81 -20.70
N GLU A 45 20.01 33.14 -19.78
CA GLU A 45 21.08 32.17 -20.12
C GLU A 45 20.56 30.72 -20.03
N ASP A 46 19.26 30.53 -19.78
CA ASP A 46 18.63 29.19 -19.69
C ASP A 46 18.62 28.52 -21.08
N LYS A 47 18.83 27.20 -21.11
CA LYS A 47 18.80 26.35 -22.33
C LYS A 47 17.37 25.88 -22.61
N LEU A 48 16.51 26.78 -23.13
CA LEU A 48 15.07 26.51 -23.34
C LEU A 48 14.87 25.52 -24.50
N SER A 49 15.91 25.26 -25.30
CA SER A 49 15.89 24.29 -26.42
C SER A 49 15.74 22.85 -25.89
N GLU A 50 16.18 22.57 -24.65
CA GLU A 50 16.05 21.20 -24.07
C GLU A 50 14.76 21.09 -23.23
N VAL A 51 13.96 22.15 -23.14
CA VAL A 51 12.55 22.10 -22.60
C VAL A 51 11.61 21.65 -23.72
N LYS A 52 10.98 20.49 -23.55
CA LYS A 52 10.11 19.83 -24.57
C LYS A 52 8.70 20.42 -24.53
N ALA A 53 8.14 20.64 -23.33
CA ALA A 53 6.76 21.15 -23.15
C ALA A 53 6.56 21.71 -21.75
N VAL A 54 5.66 22.70 -21.64
CA VAL A 54 5.15 23.29 -20.37
C VAL A 54 3.62 23.18 -20.39
N ARG A 55 3.04 22.64 -19.32
CA ARG A 55 1.57 22.42 -19.18
C ARG A 55 1.06 23.18 -17.95
N LEU A 56 -0.17 23.71 -18.06
CA LEU A 56 -0.94 24.25 -16.91
C LEU A 56 -2.05 23.24 -16.58
N PHE A 57 -2.11 22.79 -15.33
CA PHE A 57 -3.11 21.84 -14.80
C PHE A 57 -4.01 22.57 -13.79
N TYR A 58 -5.25 22.08 -13.65
CA TYR A 58 -6.19 22.45 -12.56
C TYR A 58 -6.43 21.21 -11.70
N ALA A 59 -6.32 21.35 -10.37
CA ALA A 59 -6.47 20.23 -9.40
C ALA A 59 -7.63 20.51 -8.43
N GLY A 60 -8.57 21.39 -8.82
CA GLY A 60 -9.79 21.66 -8.03
C GLY A 60 -9.48 22.47 -6.77
N THR A 61 -10.07 22.05 -5.64
CA THR A 61 -10.13 22.85 -4.39
C THR A 61 -9.50 22.08 -3.23
N GLU A 62 -9.68 22.58 -2.01
CA GLU A 62 -9.15 21.99 -0.76
C GLU A 62 -10.31 21.50 0.10
N ALA A 63 -10.06 20.56 1.00
CA ALA A 63 -11.00 20.11 2.04
C ALA A 63 -11.17 21.24 3.07
N ALA A 64 -12.36 21.35 3.66
CA ALA A 64 -12.77 22.39 4.63
C ALA A 64 -11.86 22.38 5.87
N THR A 65 -11.26 21.24 6.23
CA THR A 65 -10.57 21.02 7.53
C THR A 65 -9.05 21.21 7.39
N LYS A 66 -8.53 21.41 6.17
CA LYS A 66 -7.07 21.29 5.89
C LYS A 66 -6.42 22.69 5.78
N GLY A 67 -7.10 23.73 6.28
CA GLY A 67 -6.54 25.09 6.34
C GLY A 67 -6.30 25.65 4.94
N ARG A 68 -5.44 26.66 4.83
CA ARG A 68 -5.39 27.54 3.63
C ARG A 68 -3.94 27.87 3.25
N SER A 69 -2.96 27.13 3.76
CA SER A 69 -1.51 27.41 3.56
C SER A 69 -0.84 26.34 2.68
N ARG A 70 -1.60 25.34 2.22
CA ARG A 70 -1.09 24.26 1.36
C ARG A 70 -1.02 24.76 -0.08
N PHE A 71 -0.15 24.17 -0.90
CA PHE A 71 0.03 24.55 -2.33
C PHE A 71 -0.55 23.46 -3.23
N ALA A 72 -1.21 22.45 -2.67
CA ALA A 72 -1.81 21.29 -3.38
C ALA A 72 -2.74 20.52 -2.45
N PRO A 73 -3.78 19.84 -2.97
CA PRO A 73 -4.61 18.94 -2.17
C PRO A 73 -4.09 17.51 -2.07
N VAL A 74 -3.05 17.17 -2.84
CA VAL A 74 -2.61 15.77 -3.05
C VAL A 74 -1.29 15.79 -3.84
N THR A 75 -0.52 14.71 -3.76
CA THR A 75 0.66 14.45 -4.62
C THR A 75 0.18 14.43 -6.07
N TYR A 76 0.74 15.32 -6.90
CA TYR A 76 0.37 15.47 -8.33
C TYR A 76 1.04 14.36 -9.15
N VAL A 77 2.33 14.13 -8.92
CA VAL A 77 3.13 13.10 -9.65
C VAL A 77 3.68 12.12 -8.61
N SER A 78 3.16 10.89 -8.61
CA SER A 78 3.46 9.83 -7.62
C SER A 78 4.85 9.25 -7.89
N SER A 79 5.58 8.93 -6.82
CA SER A 79 6.86 8.20 -6.85
C SER A 79 6.65 6.77 -6.31
N HIS A 80 5.40 6.37 -6.01
CA HIS A 80 5.05 5.09 -5.36
C HIS A 80 4.11 4.24 -6.21
N ASN A 81 3.27 4.86 -7.04
CA ASN A 81 2.23 4.16 -7.85
C ASN A 81 2.94 3.34 -8.93
N ILE A 82 2.93 2.01 -8.77
CA ILE A 82 3.64 1.04 -9.68
C ILE A 82 3.06 1.15 -11.09
N ARG A 83 1.84 1.67 -11.25
CA ARG A 83 1.13 1.76 -12.55
C ARG A 83 1.50 3.07 -13.27
N ASN A 84 2.00 4.09 -12.56
CA ASN A 84 2.39 5.39 -13.17
C ASN A 84 3.18 6.24 -12.17
N THR A 85 4.49 6.40 -12.41
CA THR A 85 5.40 7.30 -11.65
C THR A 85 5.95 8.41 -12.54
N ARG A 86 5.55 8.47 -13.81
CA ARG A 86 6.25 9.29 -14.84
C ARG A 86 5.40 10.48 -15.31
N SER A 87 4.06 10.39 -15.20
CA SER A 87 3.12 11.48 -15.58
C SER A 87 2.15 11.77 -14.42
N ALA A 88 1.59 12.98 -14.40
CA ALA A 88 0.56 13.42 -13.42
C ALA A 88 -0.58 12.40 -13.40
N ASN A 89 -1.03 11.98 -12.20
CA ASN A 89 -2.26 11.16 -12.07
C ASN A 89 -3.41 11.96 -12.68
N PRO A 90 -4.03 11.47 -13.78
CA PRO A 90 -5.04 12.25 -14.49
C PRO A 90 -6.31 12.48 -13.64
N SER A 91 -6.53 11.67 -12.59
CA SER A 91 -7.69 11.80 -11.68
C SER A 91 -7.51 12.97 -10.71
N TYR A 92 -6.31 13.54 -10.58
CA TYR A 92 -6.03 14.69 -9.66
C TYR A 92 -5.78 15.99 -10.41
N SER A 93 -5.41 15.92 -11.70
CA SER A 93 -4.99 17.08 -12.52
C SER A 93 -5.57 16.99 -13.94
N ILE A 94 -6.28 18.03 -14.38
CA ILE A 94 -6.83 18.17 -15.75
C ILE A 94 -6.02 19.24 -16.50
N ARG A 95 -5.48 18.88 -17.67
CA ARG A 95 -4.65 19.80 -18.49
C ARG A 95 -5.56 20.92 -19.01
N GLN A 96 -5.11 22.17 -18.85
CA GLN A 96 -5.82 23.40 -19.30
C GLN A 96 -5.19 23.88 -20.61
N ASP A 97 -3.86 23.93 -20.65
CA ASP A 97 -3.05 24.46 -21.79
C ASP A 97 -1.75 23.67 -21.89
N GLU A 98 -1.06 23.79 -23.03
CA GLU A 98 0.26 23.16 -23.29
C GLU A 98 0.98 23.97 -24.37
N VAL A 99 2.26 24.28 -24.12
CA VAL A 99 3.18 24.98 -25.08
C VAL A 99 4.36 24.04 -25.34
N THR A 100 4.66 23.76 -26.62
CA THR A 100 5.69 22.78 -27.07
C THR A 100 6.89 23.50 -27.70
N THR A 101 6.83 24.84 -27.83
CA THR A 101 7.98 25.71 -28.18
C THR A 101 8.10 26.78 -27.08
N VAL A 102 9.16 26.69 -26.27
CA VAL A 102 9.31 27.47 -25.00
C VAL A 102 10.28 28.63 -25.24
N ALA A 103 9.80 29.86 -25.05
CA ALA A 103 10.56 31.13 -25.17
C ALA A 103 10.77 31.70 -23.77
N ASN A 104 11.56 32.78 -23.67
CA ASN A 104 11.93 33.45 -22.39
C ASN A 104 10.68 33.98 -21.68
N THR A 105 9.66 34.40 -22.45
CA THR A 105 8.28 34.65 -21.96
C THR A 105 7.36 33.55 -22.51
N LEU A 106 6.43 33.08 -21.69
CA LEU A 106 5.49 31.97 -22.00
C LEU A 106 4.14 32.29 -21.35
N THR A 107 3.03 32.13 -22.09
CA THR A 107 1.65 32.37 -21.61
C THR A 107 0.86 31.06 -21.68
N LEU A 108 0.24 30.68 -20.56
CA LEU A 108 -0.70 29.53 -20.44
C LEU A 108 -2.09 30.08 -20.08
N LYS A 109 -3.13 29.46 -20.64
CA LYS A 109 -4.53 29.94 -20.60
C LYS A 109 -5.44 28.82 -20.05
N THR A 110 -6.56 29.21 -19.44
CA THR A 110 -7.68 28.30 -19.04
C THR A 110 -9.00 29.00 -19.33
N ARG A 111 -10.08 28.23 -19.40
CA ARG A 111 -11.49 28.70 -19.45
C ARG A 111 -12.24 28.19 -18.20
N GLN A 112 -11.52 27.59 -17.25
CA GLN A 112 -12.11 26.82 -16.12
C GLN A 112 -12.77 27.77 -15.12
N PRO A 113 -14.11 27.68 -14.90
CA PRO A 113 -14.75 28.44 -13.83
C PRO A 113 -14.31 27.89 -12.47
N MET A 114 -13.70 28.75 -11.65
CA MET A 114 -13.22 28.40 -10.29
C MET A 114 -14.43 28.23 -9.35
N VAL A 115 -14.26 27.39 -8.33
CA VAL A 115 -15.18 27.21 -7.17
C VAL A 115 -14.94 28.36 -6.18
N LYS A 116 -15.90 28.63 -5.30
CA LYS A 116 -15.76 29.61 -4.19
C LYS A 116 -14.65 29.12 -3.24
N GLY A 117 -13.73 30.01 -2.86
CA GLY A 117 -12.63 29.71 -1.92
C GLY A 117 -11.38 29.24 -2.65
N ILE A 118 -10.70 28.23 -2.09
CA ILE A 118 -9.34 27.79 -2.53
C ILE A 118 -9.45 27.04 -3.86
N ASN A 119 -8.60 27.42 -4.81
CA ASN A 119 -8.45 26.76 -6.13
C ASN A 119 -6.96 26.54 -6.38
N TYR A 120 -6.62 25.34 -6.86
CA TYR A 120 -5.22 24.91 -7.13
C TYR A 120 -5.00 24.73 -8.63
N PHE A 121 -3.95 25.38 -9.12
CA PHE A 121 -3.34 25.12 -10.45
C PHE A 121 -1.85 24.83 -10.23
N TRP A 122 -1.22 24.19 -11.22
CA TRP A 122 0.25 23.93 -11.18
C TRP A 122 0.80 23.83 -12.60
N VAL A 123 2.08 24.18 -12.75
CA VAL A 123 2.85 24.19 -14.02
C VAL A 123 3.75 22.97 -14.04
N SER A 124 3.59 22.11 -15.05
CA SER A 124 4.46 20.96 -15.35
C SER A 124 5.50 21.37 -16.40
N VAL A 125 6.75 20.98 -16.21
CA VAL A 125 7.83 21.05 -17.24
C VAL A 125 8.17 19.61 -17.64
N GLU A 126 8.22 19.36 -18.94
CA GLU A 126 8.79 18.14 -19.56
C GLU A 126 10.10 18.53 -20.25
N MET A 127 11.17 17.81 -19.97
CA MET A 127 12.51 18.05 -20.57
C MET A 127 12.75 17.02 -21.68
N ASP A 128 13.56 17.39 -22.68
CA ASP A 128 14.17 16.45 -23.65
C ASP A 128 14.89 15.35 -22.84
N ARG A 129 14.81 14.09 -23.29
CA ARG A 129 15.37 12.91 -22.57
C ARG A 129 16.90 13.03 -22.49
N ASN A 130 17.52 13.77 -23.42
CA ASN A 130 19.00 13.94 -23.52
C ASN A 130 19.45 15.25 -22.85
N THR A 131 18.57 15.89 -22.07
CA THR A 131 18.85 17.12 -21.30
C THR A 131 20.10 16.89 -20.42
N SER A 132 21.04 17.82 -20.43
CA SER A 132 22.25 17.79 -19.56
C SER A 132 21.82 17.83 -18.09
N LEU A 133 22.35 16.91 -17.28
CA LEU A 133 22.06 16.82 -15.83
C LEU A 133 22.60 18.08 -15.11
N LEU A 134 23.55 18.80 -15.73
CA LEU A 134 24.14 20.05 -15.19
C LEU A 134 23.32 21.29 -15.57
N SER A 135 22.25 21.13 -16.37
CA SER A 135 21.37 22.25 -16.82
C SER A 135 20.57 22.80 -15.64
N LYS A 136 20.24 24.09 -15.68
CA LYS A 136 19.49 24.79 -14.61
C LYS A 136 18.43 25.72 -15.24
N LEU A 137 17.22 25.72 -14.67
CA LEU A 137 16.14 26.68 -15.02
C LEU A 137 15.99 27.70 -13.88
N THR A 138 16.02 28.98 -14.21
CA THR A 138 15.63 30.12 -13.32
C THR A 138 14.32 30.70 -13.83
N SER A 139 13.20 30.25 -13.26
CA SER A 139 11.81 30.53 -13.71
C SER A 139 11.06 31.29 -12.60
N THR A 140 10.23 32.26 -12.99
CA THR A 140 9.30 33.01 -12.08
C THR A 140 7.98 33.30 -12.80
N VAL A 141 6.86 33.13 -12.10
CA VAL A 141 5.52 33.62 -12.56
C VAL A 141 5.52 35.14 -12.41
N THR A 142 5.44 35.86 -13.53
CA THR A 142 5.55 37.34 -13.60
C THR A 142 4.17 37.99 -13.70
N GLU A 143 3.16 37.27 -14.22
CA GLU A 143 1.77 37.80 -14.34
C GLU A 143 0.75 36.67 -14.19
N VAL A 144 -0.31 36.92 -13.43
CA VAL A 144 -1.52 36.06 -13.29
C VAL A 144 -2.74 36.94 -13.57
N VAL A 145 -3.58 36.54 -14.52
CA VAL A 145 -4.78 37.32 -14.97
C VAL A 145 -6.03 36.54 -14.55
N ILE A 146 -6.88 37.15 -13.72
CA ILE A 146 -8.20 36.62 -13.31
C ILE A 146 -9.27 37.65 -13.67
N ASN A 147 -10.30 37.24 -14.42
CA ASN A 147 -11.40 38.12 -14.93
C ASN A 147 -10.79 39.34 -15.65
N ASP A 148 -9.72 39.12 -16.41
CA ASP A 148 -9.04 40.14 -17.27
C ASP A 148 -8.56 41.32 -16.41
N LYS A 149 -8.25 41.05 -15.14
CA LYS A 149 -7.53 41.98 -14.22
C LYS A 149 -6.29 41.25 -13.72
N PRO A 150 -5.07 41.82 -13.86
CA PRO A 150 -3.87 41.19 -13.30
C PRO A 150 -4.01 41.13 -11.77
N ALA A 151 -3.62 40.01 -11.16
CA ALA A 151 -3.71 39.76 -9.70
C ALA A 151 -2.34 40.02 -9.06
N VAL A 152 -2.35 40.39 -7.78
CA VAL A 152 -1.11 40.58 -6.95
C VAL A 152 -0.50 39.19 -6.68
N ILE A 153 0.77 39.00 -7.05
CA ILE A 153 1.51 37.71 -6.86
C ILE A 153 2.33 37.81 -5.57
N ALA A 154 2.35 36.73 -4.80
CA ALA A 154 3.15 36.58 -3.56
C ALA A 154 3.78 35.18 -3.54
N GLY A 155 4.80 35.00 -2.69
CA GLY A 155 5.43 33.69 -2.41
C GLY A 155 6.90 33.67 -2.83
N GLU A 156 7.70 32.86 -2.14
CA GLU A 156 9.12 32.57 -2.48
C GLU A 156 9.14 31.63 -3.71
N GLN A 157 9.59 32.15 -4.87
CA GLN A 157 9.61 31.40 -6.15
C GLN A 157 10.93 31.65 -6.90
N ALA A 158 12.01 32.00 -6.18
CA ALA A 158 13.31 32.42 -6.75
C ALA A 158 14.30 31.25 -6.79
N ALA A 159 13.85 30.01 -6.56
CA ALA A 159 14.68 28.79 -6.62
C ALA A 159 15.38 28.69 -7.99
N VAL A 160 16.65 28.28 -7.99
CA VAL A 160 17.38 27.83 -9.21
C VAL A 160 17.17 26.31 -9.33
N ARG A 161 16.34 25.87 -10.28
CA ARG A 161 15.91 24.45 -10.39
C ARG A 161 17.01 23.63 -11.08
N ARG A 162 17.20 22.40 -10.60
CA ARG A 162 18.24 21.45 -11.07
C ARG A 162 17.56 20.24 -11.73
N MET A 163 18.29 19.60 -12.62
CA MET A 163 17.85 18.37 -13.34
C MET A 163 18.23 17.15 -12.50
N GLY A 164 17.56 16.02 -12.73
CA GLY A 164 17.94 14.71 -12.19
C GLY A 164 17.48 13.62 -13.13
N ILE A 165 17.73 12.35 -12.78
CA ILE A 165 17.24 11.19 -13.57
C ILE A 165 16.77 10.11 -12.60
N GLY A 166 15.55 9.60 -12.82
CA GLY A 166 15.00 8.45 -12.10
C GLY A 166 15.59 7.16 -12.62
N VAL A 167 16.68 6.68 -11.99
CA VAL A 167 17.38 5.43 -12.37
C VAL A 167 16.45 4.25 -12.07
N ARG A 168 15.71 4.30 -10.95
CA ARG A 168 14.70 3.27 -10.58
C ARG A 168 13.42 3.95 -10.09
N HIS A 169 12.29 3.64 -10.75
CA HIS A 169 10.93 4.03 -10.33
C HIS A 169 10.23 2.81 -9.73
N ALA A 170 9.40 3.03 -8.72
CA ALA A 170 8.48 2.02 -8.14
C ALA A 170 7.79 1.27 -9.28
N GLY A 171 7.84 -0.06 -9.28
CA GLY A 171 7.18 -0.92 -10.28
C GLY A 171 8.13 -1.41 -11.36
N ASP A 172 9.27 -0.74 -11.56
CA ASP A 172 10.25 -1.09 -12.62
C ASP A 172 10.67 -2.56 -12.47
N ASP A 173 10.68 -3.30 -13.58
CA ASP A 173 11.09 -4.72 -13.68
C ASP A 173 10.28 -5.56 -12.69
N GLY A 174 9.03 -5.15 -12.44
CA GLY A 174 8.03 -5.89 -11.64
C GLY A 174 8.27 -5.78 -10.15
N SER A 175 9.20 -4.92 -9.72
CA SER A 175 9.58 -4.72 -8.30
C SER A 175 8.72 -3.61 -7.71
N ALA A 176 8.07 -3.88 -6.57
CA ALA A 176 7.22 -2.92 -5.83
C ALA A 176 8.03 -1.67 -5.49
N SER A 177 9.27 -1.82 -5.01
CA SER A 177 10.09 -0.67 -4.57
C SER A 177 11.59 -0.98 -4.66
N PHE A 178 12.38 0.08 -4.57
CA PHE A 178 13.86 0.10 -4.56
C PHE A 178 14.31 0.98 -3.40
N ARG A 179 15.24 0.51 -2.57
CA ARG A 179 15.71 1.27 -1.39
C ARG A 179 17.21 1.04 -1.19
N ILE A 180 17.83 1.92 -0.39
CA ILE A 180 19.20 1.77 0.17
C ILE A 180 20.23 1.96 -0.94
N PRO A 181 20.48 3.20 -1.40
CA PRO A 181 21.45 3.47 -2.45
C PRO A 181 22.93 3.38 -2.03
N GLY A 182 23.75 2.81 -2.91
CA GLY A 182 25.23 2.92 -2.86
C GLY A 182 25.76 3.37 -4.20
N LEU A 183 26.80 4.20 -4.23
CA LEU A 183 27.36 4.75 -5.49
C LEU A 183 28.90 4.81 -5.39
N VAL A 184 29.57 4.29 -6.43
CA VAL A 184 31.03 4.44 -6.64
C VAL A 184 31.28 4.86 -8.08
N THR A 185 32.44 5.46 -8.32
CA THR A 185 33.02 5.74 -9.66
C THR A 185 34.21 4.78 -9.83
N THR A 186 34.19 3.94 -10.86
CA THR A 186 35.29 2.99 -11.18
C THR A 186 36.45 3.81 -11.76
N ASN A 187 37.60 3.16 -11.94
CA ASN A 187 38.83 3.78 -12.50
C ASN A 187 38.60 4.15 -13.97
N LYS A 188 37.57 3.58 -14.61
CA LYS A 188 37.19 3.87 -16.02
C LYS A 188 36.15 5.00 -16.08
N GLY A 189 35.87 5.65 -14.94
CA GLY A 189 34.88 6.75 -14.83
C GLY A 189 33.45 6.23 -14.89
N THR A 190 33.24 4.92 -14.77
CA THR A 190 31.90 4.26 -14.78
C THR A 190 31.22 4.46 -13.42
N LEU A 191 29.98 4.94 -13.42
CA LEU A 191 29.14 5.04 -12.21
C LEU A 191 28.48 3.69 -11.97
N LEU A 192 28.57 3.17 -10.74
CA LEU A 192 27.87 1.94 -10.30
C LEU A 192 26.98 2.27 -9.10
N GLY A 193 25.66 2.15 -9.29
CA GLY A 193 24.66 2.36 -8.23
C GLY A 193 24.02 1.05 -7.82
N VAL A 194 24.08 0.71 -6.53
CA VAL A 194 23.48 -0.54 -5.95
C VAL A 194 22.29 -0.15 -5.08
N TYR A 195 21.37 -1.08 -4.84
CA TYR A 195 20.10 -0.87 -4.10
C TYR A 195 19.43 -2.22 -3.83
N ASP A 196 18.58 -2.25 -2.80
CA ASP A 196 17.58 -3.33 -2.59
C ASP A 196 16.58 -3.32 -3.73
N VAL A 197 16.33 -4.49 -4.33
CA VAL A 197 15.11 -4.73 -5.16
C VAL A 197 14.10 -5.41 -4.23
N ARG A 198 13.15 -4.64 -3.73
CA ARG A 198 12.11 -5.10 -2.77
C ARG A 198 10.83 -5.42 -3.55
N TYR A 199 10.64 -6.69 -3.90
CA TYR A 199 9.68 -7.16 -4.93
C TYR A 199 8.23 -7.02 -4.44
N ASN A 200 7.95 -7.42 -3.19
CA ASN A 200 6.57 -7.60 -2.66
C ASN A 200 6.00 -6.28 -2.12
N ASN A 201 6.85 -5.40 -1.59
CA ASN A 201 6.47 -4.20 -0.79
C ASN A 201 7.76 -3.43 -0.49
N SER A 202 7.78 -2.57 0.54
CA SER A 202 8.93 -1.70 0.84
C SER A 202 9.49 -1.98 2.24
N VAL A 203 9.04 -3.06 2.90
CA VAL A 203 9.52 -3.40 4.27
C VAL A 203 10.93 -4.01 4.15
N ALA A 204 11.75 -3.83 5.18
CA ALA A 204 13.14 -4.32 5.26
C ALA A 204 13.14 -5.86 5.35
N LEU A 205 14.33 -6.46 5.21
CA LEU A 205 14.57 -7.89 5.53
C LEU A 205 13.87 -8.21 6.85
N GLN A 206 13.30 -9.41 7.01
CA GLN A 206 13.28 -10.48 6.03
C GLN A 206 12.15 -10.22 5.02
N GLU A 207 12.45 -10.35 3.73
CA GLU A 207 11.46 -10.35 2.62
C GLU A 207 12.15 -10.83 1.33
N HIS A 208 11.41 -10.93 0.24
CA HIS A 208 11.93 -11.22 -1.12
C HIS A 208 12.68 -9.98 -1.61
N ILE A 209 13.97 -9.91 -1.33
CA ILE A 209 14.86 -8.76 -1.65
C ILE A 209 16.13 -9.31 -2.32
N ASP A 210 16.53 -8.72 -3.45
CA ASP A 210 17.84 -8.96 -4.11
C ASP A 210 18.61 -7.64 -4.11
N VAL A 211 19.91 -7.68 -4.37
CA VAL A 211 20.74 -6.47 -4.64
C VAL A 211 20.77 -6.24 -6.15
N GLY A 212 20.22 -5.12 -6.61
CA GLY A 212 20.28 -4.69 -8.02
C GLY A 212 21.46 -3.77 -8.24
N LEU A 213 21.86 -3.59 -9.50
CA LEU A 213 22.94 -2.63 -9.90
C LEU A 213 22.59 -1.95 -11.22
N SER A 214 22.70 -0.62 -11.25
CA SER A 214 22.57 0.23 -12.45
C SER A 214 23.96 0.78 -12.81
N ARG A 215 24.33 0.71 -14.09
CA ARG A 215 25.68 1.07 -14.60
C ARG A 215 25.55 2.18 -15.66
N SER A 216 26.40 3.21 -15.58
CA SER A 216 26.43 4.37 -16.51
C SER A 216 27.87 4.69 -16.91
N THR A 217 28.16 4.72 -18.22
CA THR A 217 29.50 5.00 -18.80
C THR A 217 29.53 6.43 -19.36
N ASP A 218 28.52 7.25 -19.08
CA ASP A 218 28.40 8.65 -19.61
C ASP A 218 27.96 9.60 -18.49
N LYS A 219 28.43 9.38 -17.27
CA LYS A 219 28.31 10.31 -16.12
C LYS A 219 26.83 10.49 -15.75
N GLY A 220 26.01 9.46 -15.98
CA GLY A 220 24.64 9.34 -15.46
C GLY A 220 23.56 9.80 -16.42
N GLN A 221 23.92 10.24 -17.63
CA GLN A 221 22.94 10.61 -18.69
C GLN A 221 22.12 9.36 -19.07
N THR A 222 22.79 8.20 -19.14
CA THR A 222 22.22 6.89 -19.56
C THR A 222 22.59 5.84 -18.52
N TRP A 223 21.66 4.93 -18.21
CA TRP A 223 21.87 3.80 -17.28
C TRP A 223 21.51 2.49 -17.99
N GLU A 224 22.45 1.54 -18.01
CA GLU A 224 22.27 0.19 -18.61
C GLU A 224 21.18 -0.52 -17.83
N PRO A 225 20.47 -1.51 -18.43
CA PRO A 225 19.40 -2.22 -17.72
C PRO A 225 19.90 -2.78 -16.37
N MET A 226 18.99 -2.89 -15.40
CA MET A 226 19.30 -3.39 -14.04
C MET A 226 19.92 -4.79 -14.13
N ARG A 227 21.07 -4.98 -13.49
CA ARG A 227 21.72 -6.30 -13.23
C ARG A 227 21.41 -6.69 -11.79
N ILE A 228 21.25 -8.01 -11.54
CA ILE A 228 21.16 -8.59 -10.17
C ILE A 228 22.58 -8.93 -9.72
N ALA A 229 23.16 -8.06 -8.89
CA ALA A 229 24.53 -8.22 -8.33
C ALA A 229 24.53 -9.38 -7.32
N MET A 230 23.42 -9.60 -6.62
CA MET A 230 23.37 -10.61 -5.54
C MET A 230 21.93 -11.08 -5.28
N SER A 231 21.76 -12.40 -5.11
CA SER A 231 20.45 -13.08 -4.98
C SER A 231 20.64 -14.44 -4.31
N PHE A 232 19.62 -14.93 -3.60
CA PHE A 232 19.67 -16.28 -2.96
C PHE A 232 18.46 -17.14 -3.33
N GLY A 233 17.58 -16.65 -4.21
CA GLY A 233 16.41 -17.40 -4.72
C GLY A 233 15.88 -18.36 -3.67
N GLU A 234 15.80 -19.66 -3.98
CA GLU A 234 15.22 -20.70 -3.10
C GLU A 234 16.32 -21.56 -2.50
N THR A 235 17.38 -20.95 -1.96
CA THR A 235 18.51 -21.64 -1.27
C THR A 235 17.94 -22.58 -0.21
N ASP A 236 18.37 -23.85 -0.22
CA ASP A 236 18.04 -24.91 0.78
C ASP A 236 16.55 -25.27 0.73
N GLY A 237 15.85 -24.91 -0.36
CA GLY A 237 14.42 -25.21 -0.56
C GLY A 237 13.53 -24.35 0.32
N LEU A 238 14.05 -23.25 0.87
CA LEU A 238 13.25 -22.24 1.61
C LEU A 238 12.77 -21.18 0.61
N PRO A 239 11.53 -20.64 0.76
CA PRO A 239 11.02 -19.65 -0.18
C PRO A 239 11.97 -18.44 -0.34
N SER A 240 11.90 -17.78 -1.49
CA SER A 240 12.69 -16.55 -1.82
C SER A 240 12.34 -15.43 -0.83
N GLY A 241 11.11 -15.43 -0.30
CA GLY A 241 10.63 -14.49 0.73
C GLY A 241 11.36 -14.67 2.06
N GLN A 242 11.96 -15.85 2.28
CA GLN A 242 12.80 -16.16 3.46
C GLN A 242 14.25 -16.39 3.01
N ASN A 243 14.70 -15.67 1.97
CA ASN A 243 16.09 -15.73 1.45
C ASN A 243 16.54 -14.34 0.97
N GLY A 244 15.98 -13.27 1.54
CA GLY A 244 16.29 -11.88 1.16
C GLY A 244 17.74 -11.54 1.42
N VAL A 245 18.30 -10.64 0.61
CA VAL A 245 19.66 -10.05 0.80
C VAL A 245 19.56 -8.56 0.45
N GLY A 246 20.06 -7.68 1.31
CA GLY A 246 19.91 -6.22 1.14
C GLY A 246 20.81 -5.37 2.02
N ASP A 247 20.49 -4.08 2.09
CA ASP A 247 21.27 -2.99 2.74
C ASP A 247 22.69 -2.96 2.15
N PRO A 248 22.83 -2.96 0.80
CA PRO A 248 24.13 -3.10 0.17
C PRO A 248 25.09 -1.94 0.40
N SER A 249 26.39 -2.24 0.44
CA SER A 249 27.52 -1.29 0.43
C SER A 249 28.48 -1.73 -0.68
N ILE A 250 28.95 -0.76 -1.47
CA ILE A 250 29.81 -0.97 -2.68
C ILE A 250 31.09 -0.15 -2.51
N LEU A 251 32.25 -0.72 -2.85
CA LEU A 251 33.54 0.02 -2.93
C LEU A 251 34.31 -0.45 -4.16
N VAL A 252 35.12 0.45 -4.71
CA VAL A 252 36.10 0.18 -5.80
C VAL A 252 37.46 0.01 -5.16
N ASP A 253 38.09 -1.15 -5.36
CA ASP A 253 39.53 -1.37 -5.08
C ASP A 253 40.30 -0.52 -6.09
N GLU A 254 40.76 0.67 -5.68
CA GLU A 254 41.33 1.70 -6.58
C GLU A 254 42.65 1.19 -7.18
N ARG A 255 43.29 0.20 -6.56
CA ARG A 255 44.56 -0.41 -7.06
C ARG A 255 44.27 -1.29 -8.28
N THR A 256 43.17 -2.04 -8.28
CA THR A 256 42.87 -3.12 -9.25
C THR A 256 41.64 -2.81 -10.10
N ASN A 257 40.83 -1.84 -9.69
CA ASN A 257 39.48 -1.53 -10.26
C ASN A 257 38.52 -2.70 -10.01
N THR A 258 38.88 -3.66 -9.16
CA THR A 258 37.95 -4.73 -8.69
C THR A 258 36.87 -4.05 -7.86
N VAL A 259 35.59 -4.28 -8.19
CA VAL A 259 34.43 -3.69 -7.49
C VAL A 259 33.88 -4.75 -6.52
N TRP A 260 33.66 -4.37 -5.25
CA TRP A 260 33.17 -5.26 -4.17
C TRP A 260 31.80 -4.78 -3.70
N VAL A 261 30.87 -5.71 -3.49
CA VAL A 261 29.52 -5.43 -2.90
C VAL A 261 29.30 -6.38 -1.72
N VAL A 262 29.09 -5.81 -0.53
CA VAL A 262 28.74 -6.55 0.71
C VAL A 262 27.26 -6.29 1.05
N ALA A 263 26.57 -7.33 1.53
CA ALA A 263 25.12 -7.28 1.83
C ALA A 263 24.78 -8.35 2.89
N ALA A 264 23.63 -8.19 3.54
CA ALA A 264 23.13 -9.07 4.62
C ALA A 264 22.13 -10.04 4.01
N TRP A 265 22.43 -11.33 4.07
CA TRP A 265 21.51 -12.42 3.65
C TRP A 265 20.80 -12.96 4.90
N THR A 266 19.47 -12.87 4.92
CA THR A 266 18.62 -13.44 5.99
C THR A 266 17.94 -14.69 5.42
N HIS A 267 18.12 -15.81 6.14
CA HIS A 267 17.65 -17.16 5.77
C HIS A 267 16.68 -17.65 6.85
N GLY A 268 15.41 -17.85 6.51
CA GLY A 268 14.34 -18.17 7.47
C GLY A 268 13.65 -16.92 7.97
N MET A 269 13.40 -16.83 9.29
CA MET A 269 12.92 -15.62 10.04
C MET A 269 11.45 -15.31 9.70
N GLY A 270 10.67 -16.28 9.22
CA GLY A 270 9.27 -16.06 8.80
C GLY A 270 9.17 -14.83 7.92
N ASN A 271 8.25 -13.93 8.22
CA ASN A 271 8.05 -12.66 7.46
C ASN A 271 8.17 -11.48 8.44
N ALA A 272 9.20 -11.50 9.29
CA ALA A 272 9.43 -10.50 10.36
C ALA A 272 10.72 -9.73 10.07
N ARG A 273 10.96 -8.63 10.78
CA ARG A 273 12.09 -7.72 10.55
C ARG A 273 13.36 -8.34 11.15
N ALA A 274 14.44 -8.41 10.37
CA ALA A 274 15.75 -8.96 10.78
C ALA A 274 16.30 -8.17 11.98
N TRP A 275 16.03 -6.87 12.05
CA TRP A 275 16.58 -5.95 13.08
C TRP A 275 16.28 -6.47 14.49
N THR A 276 15.09 -7.02 14.71
CA THR A 276 14.62 -7.53 16.03
C THR A 276 14.64 -9.07 16.06
N ASN A 277 14.85 -9.74 14.93
CA ASN A 277 14.63 -11.21 14.81
C ASN A 277 15.93 -11.98 14.50
N SER A 278 16.98 -11.33 14.01
CA SER A 278 18.31 -11.96 13.87
C SER A 278 18.81 -12.27 15.29
N MET A 279 19.32 -13.48 15.52
CA MET A 279 19.69 -13.98 16.87
C MET A 279 21.16 -14.41 16.87
N PRO A 280 21.79 -14.52 18.06
CA PRO A 280 23.15 -15.02 18.17
C PRO A 280 23.39 -16.36 17.46
N GLY A 281 24.67 -16.68 17.21
CA GLY A 281 25.09 -17.88 16.45
C GLY A 281 25.94 -17.50 15.26
N MET A 282 26.09 -18.41 14.30
CA MET A 282 26.99 -18.24 13.12
C MET A 282 26.34 -18.77 11.82
N THR A 283 25.54 -19.83 11.89
CA THR A 283 24.99 -20.51 10.69
C THR A 283 23.92 -19.64 10.05
N PRO A 284 23.65 -19.82 8.73
CA PRO A 284 22.54 -19.14 8.06
C PRO A 284 21.18 -19.35 8.76
N ASP A 285 20.97 -20.50 9.39
CA ASP A 285 19.71 -20.84 10.12
C ASP A 285 19.62 -20.02 11.41
N GLU A 286 20.75 -19.58 11.96
CA GLU A 286 20.84 -18.95 13.32
C GLU A 286 20.79 -17.43 13.22
N THR A 287 21.53 -16.84 12.27
CA THR A 287 21.84 -15.38 12.24
C THR A 287 22.01 -14.91 10.79
N ALA A 288 21.79 -13.61 10.55
CA ALA A 288 22.06 -12.93 9.26
C ALA A 288 23.52 -13.17 8.87
N GLN A 289 23.77 -13.44 7.59
CA GLN A 289 25.10 -13.76 7.02
C GLN A 289 25.66 -12.53 6.29
N LEU A 290 26.94 -12.22 6.52
CA LEU A 290 27.67 -11.18 5.78
C LEU A 290 28.22 -11.81 4.49
N MET A 291 27.72 -11.37 3.33
CA MET A 291 28.00 -12.00 2.03
C MET A 291 28.61 -10.96 1.07
N MET A 292 29.48 -11.39 0.17
CA MET A 292 30.19 -10.48 -0.78
C MET A 292 30.24 -11.09 -2.18
N VAL A 293 30.10 -10.23 -3.19
CA VAL A 293 30.36 -10.52 -4.63
C VAL A 293 31.40 -9.51 -5.12
N LYS A 294 32.02 -9.79 -6.28
CA LYS A 294 33.00 -8.88 -6.92
C LYS A 294 32.78 -8.85 -8.43
N SER A 295 33.25 -7.78 -9.08
CA SER A 295 33.29 -7.60 -10.54
C SER A 295 34.70 -7.17 -10.96
N THR A 296 35.29 -7.89 -11.90
CA THR A 296 36.65 -7.63 -12.45
C THR A 296 36.51 -7.04 -13.86
N ASP A 297 35.27 -6.82 -14.32
CA ASP A 297 34.97 -6.24 -15.66
C ASP A 297 34.14 -4.96 -15.47
N ASP A 298 34.53 -4.12 -14.51
CA ASP A 298 34.02 -2.73 -14.36
C ASP A 298 32.51 -2.76 -14.09
N GLY A 299 32.02 -3.79 -13.41
CA GLY A 299 30.63 -3.89 -12.93
C GLY A 299 29.68 -4.48 -13.94
N ARG A 300 30.18 -5.16 -14.97
CA ARG A 300 29.35 -5.74 -16.07
C ARG A 300 28.78 -7.09 -15.64
N THR A 301 29.57 -7.90 -14.93
CA THR A 301 29.19 -9.25 -14.41
C THR A 301 29.72 -9.41 -13.00
N TRP A 302 29.12 -10.33 -12.23
CA TRP A 302 29.32 -10.44 -10.77
C TRP A 302 29.60 -11.89 -10.35
N SER A 303 30.64 -12.07 -9.53
CA SER A 303 31.03 -13.37 -8.95
C SER A 303 29.84 -13.97 -8.19
N GLU A 304 29.87 -15.28 -7.96
CA GLU A 304 28.99 -15.94 -6.97
C GLU A 304 29.34 -15.38 -5.59
N SER A 305 28.40 -15.43 -4.66
CA SER A 305 28.54 -14.84 -3.31
C SER A 305 29.51 -15.68 -2.48
N THR A 306 30.38 -15.01 -1.71
CA THR A 306 31.29 -15.63 -0.69
C THR A 306 30.77 -15.22 0.69
N ASN A 307 30.79 -16.14 1.64
CA ASN A 307 30.28 -15.97 3.02
C ASN A 307 31.44 -15.60 3.94
N ILE A 308 31.42 -14.37 4.46
CA ILE A 308 32.51 -13.68 5.22
C ILE A 308 32.23 -13.76 6.73
N THR A 309 31.06 -14.28 7.12
CA THR A 309 30.52 -14.25 8.51
C THR A 309 31.58 -14.77 9.50
N SER A 310 32.12 -15.98 9.28
CA SER A 310 33.07 -16.67 10.20
C SER A 310 34.32 -15.80 10.47
N GLN A 311 34.73 -14.96 9.52
CA GLN A 311 35.98 -14.16 9.62
C GLN A 311 35.84 -13.03 10.63
N VAL A 312 34.64 -12.45 10.82
CA VAL A 312 34.46 -11.13 11.46
C VAL A 312 33.35 -11.12 12.54
N LYS A 313 32.35 -12.00 12.47
CA LYS A 313 31.22 -11.98 13.43
C LYS A 313 31.59 -12.72 14.73
N ASP A 314 31.53 -12.00 15.85
CA ASP A 314 31.44 -12.57 17.22
C ASP A 314 30.15 -13.38 17.32
N PRO A 315 30.20 -14.65 17.77
CA PRO A 315 29.00 -15.49 17.91
C PRO A 315 27.89 -14.90 18.80
N SER A 316 28.24 -14.09 19.81
CA SER A 316 27.30 -13.50 20.79
C SER A 316 26.48 -12.36 20.18
N TRP A 317 26.91 -11.78 19.05
CA TRP A 317 26.18 -10.69 18.35
C TRP A 317 24.87 -11.24 17.78
N CYS A 318 23.77 -10.50 17.95
CA CYS A 318 22.45 -10.85 17.38
C CYS A 318 22.48 -10.65 15.87
N PHE A 319 23.27 -9.68 15.40
CA PHE A 319 23.22 -9.16 14.00
C PHE A 319 24.52 -8.41 13.68
N LEU A 320 25.26 -8.87 12.68
CA LEU A 320 26.38 -8.10 12.05
C LEU A 320 26.01 -7.84 10.59
N LEU A 321 26.15 -6.60 10.13
CA LEU A 321 25.96 -6.24 8.70
C LEU A 321 26.77 -5.00 8.35
N GLN A 322 27.02 -4.81 7.05
CA GLN A 322 27.58 -3.59 6.45
C GLN A 322 26.73 -2.37 6.81
N GLY A 323 27.37 -1.20 6.92
CA GLY A 323 26.69 0.11 6.87
C GLY A 323 26.33 0.42 5.43
N PRO A 324 25.05 0.64 5.10
CA PRO A 324 24.64 0.80 3.71
C PRO A 324 25.31 2.02 3.07
N GLY A 325 25.53 1.95 1.76
CA GLY A 325 26.13 3.02 0.94
C GLY A 325 27.38 2.53 0.27
N ARG A 326 28.55 3.00 0.72
CA ARG A 326 29.83 2.68 0.07
C ARG A 326 30.92 2.44 1.11
N GLY A 327 31.98 1.78 0.69
CA GLY A 327 33.29 1.69 1.38
C GLY A 327 34.31 2.50 0.63
N ILE A 328 35.59 2.37 0.99
CA ILE A 328 36.70 3.16 0.40
C ILE A 328 37.91 2.26 0.16
N THR A 329 38.82 2.72 -0.70
CA THR A 329 40.26 2.38 -0.70
C THR A 329 41.01 3.51 0.02
N MET A 330 41.90 3.17 0.94
CA MET A 330 42.81 4.14 1.61
C MET A 330 44.01 4.39 0.69
N ARG A 331 44.81 5.41 1.00
CA ARG A 331 46.03 5.78 0.22
C ARG A 331 47.01 4.59 0.19
N ASP A 332 47.03 3.78 1.25
CA ASP A 332 47.96 2.63 1.42
C ASP A 332 47.33 1.33 0.92
N GLY A 333 46.18 1.40 0.24
CA GLY A 333 45.57 0.25 -0.48
C GLY A 333 44.64 -0.58 0.39
N THR A 334 44.51 -0.28 1.68
CA THR A 334 43.52 -0.93 2.60
C THR A 334 42.10 -0.67 2.07
N LEU A 335 41.31 -1.73 1.90
CA LEU A 335 39.86 -1.68 1.59
C LEU A 335 39.08 -1.60 2.91
N VAL A 336 38.15 -0.65 3.05
CA VAL A 336 37.38 -0.42 4.31
C VAL A 336 35.89 -0.28 3.98
N PHE A 337 35.08 -1.15 4.62
CA PHE A 337 33.59 -1.10 4.65
C PHE A 337 33.15 -0.73 6.06
N PRO A 338 32.34 0.33 6.24
CA PRO A 338 31.64 0.56 7.50
C PRO A 338 30.75 -0.64 7.83
N ILE A 339 30.67 -0.98 9.13
CA ILE A 339 29.85 -2.10 9.65
C ILE A 339 29.08 -1.63 10.89
N GLN A 340 28.10 -2.44 11.30
CA GLN A 340 27.27 -2.24 12.50
C GLN A 340 26.92 -3.62 13.07
N PHE A 341 26.93 -3.77 14.39
CA PHE A 341 26.54 -5.04 15.04
C PHE A 341 25.63 -4.74 16.24
N ILE A 342 24.67 -5.63 16.45
CA ILE A 342 23.79 -5.66 17.65
C ILE A 342 24.39 -6.70 18.62
N ASP A 343 24.81 -6.25 19.80
CA ASP A 343 25.48 -7.10 20.82
C ASP A 343 24.42 -7.97 21.51
N SER A 344 24.86 -8.81 22.46
CA SER A 344 24.02 -9.84 23.14
C SER A 344 22.85 -9.18 23.90
N LEU A 345 22.95 -7.88 24.20
CA LEU A 345 21.92 -7.13 25.00
C LEU A 345 21.09 -6.21 24.08
N ARG A 346 21.14 -6.42 22.76
CA ARG A 346 20.36 -5.71 21.72
C ARG A 346 20.78 -4.25 21.61
N VAL A 347 22.04 -3.92 21.94
CA VAL A 347 22.59 -2.54 21.81
C VAL A 347 23.36 -2.49 20.49
N PRO A 348 22.98 -1.59 19.55
CA PRO A 348 23.69 -1.47 18.28
C PRO A 348 24.95 -0.60 18.40
N HIS A 349 26.01 -0.98 17.66
CA HIS A 349 27.31 -0.25 17.61
C HIS A 349 27.76 -0.14 16.16
N ALA A 350 28.22 1.05 15.75
CA ALA A 350 28.87 1.30 14.44
C ALA A 350 30.37 1.05 14.58
N GLY A 351 31.01 0.54 13.52
CA GLY A 351 32.47 0.36 13.43
C GLY A 351 32.91 0.25 11.99
N ILE A 352 34.11 -0.30 11.77
CA ILE A 352 34.68 -0.52 10.41
C ILE A 352 35.25 -1.93 10.30
N MET A 353 35.22 -2.46 9.08
CA MET A 353 35.78 -3.76 8.65
C MET A 353 36.72 -3.46 7.48
N TYR A 354 37.92 -4.03 7.47
CA TYR A 354 38.98 -3.70 6.48
C TYR A 354 39.68 -4.97 5.98
N SER A 355 40.23 -4.88 4.77
CA SER A 355 41.12 -5.88 4.13
C SER A 355 42.45 -5.22 3.76
N LYS A 356 43.57 -5.90 4.03
CA LYS A 356 44.92 -5.44 3.63
C LYS A 356 45.44 -6.29 2.47
N ASP A 357 44.63 -7.24 1.98
CA ASP A 357 45.05 -8.26 0.98
C ASP A 357 44.07 -8.27 -0.19
N ARG A 358 43.60 -7.07 -0.62
CA ARG A 358 42.75 -6.87 -1.84
C ARG A 358 41.38 -7.53 -1.69
N GLY A 359 40.95 -7.82 -0.46
CA GLY A 359 39.61 -8.35 -0.14
C GLY A 359 39.61 -9.85 0.10
N GLU A 360 40.78 -10.45 0.29
CA GLU A 360 40.93 -11.90 0.54
C GLU A 360 40.44 -12.23 1.96
N THR A 361 40.81 -11.43 2.96
CA THR A 361 40.39 -11.61 4.38
C THR A 361 39.99 -10.25 4.96
N TRP A 362 39.05 -10.26 5.91
CA TRP A 362 38.45 -9.05 6.54
C TRP A 362 38.60 -9.15 8.06
N HIS A 363 38.72 -8.00 8.72
CA HIS A 363 38.97 -7.87 10.18
C HIS A 363 38.14 -6.72 10.75
N ILE A 364 37.51 -6.95 11.92
CA ILE A 364 36.82 -5.93 12.74
C ILE A 364 37.48 -5.91 14.12
N HIS A 365 37.79 -4.73 14.65
CA HIS A 365 38.39 -4.52 15.99
C HIS A 365 37.29 -4.03 16.94
N GLN A 366 37.32 -2.76 17.37
CA GLN A 366 36.46 -2.22 18.44
C GLN A 366 35.35 -1.35 17.84
N PRO A 367 34.14 -1.36 18.43
CA PRO A 367 33.08 -0.44 18.02
C PRO A 367 33.50 1.00 18.34
N ALA A 368 33.02 1.97 17.56
CA ALA A 368 33.36 3.41 17.70
C ALA A 368 32.56 4.04 18.83
N ARG A 369 31.28 3.66 18.97
CA ARG A 369 30.31 4.38 19.83
C ARG A 369 29.07 3.53 20.08
N THR A 370 28.55 3.60 21.30
CA THR A 370 27.32 2.91 21.77
C THR A 370 26.08 3.51 21.08
N ASN A 371 25.10 2.66 20.76
CA ASN A 371 23.76 3.07 20.27
C ASN A 371 23.90 3.88 18.98
N THR A 372 24.77 3.42 18.09
CA THR A 372 24.92 3.91 16.69
C THR A 372 24.62 2.74 15.75
N THR A 373 24.21 3.02 14.52
CA THR A 373 23.85 2.00 13.51
C THR A 373 24.63 2.29 12.22
N GLU A 374 23.95 2.90 11.25
CA GLU A 374 24.47 3.13 9.88
C GLU A 374 25.57 4.19 9.97
N ALA A 375 26.69 3.95 9.29
CA ALA A 375 27.86 4.83 9.28
C ALA A 375 28.52 4.78 7.89
N GLN A 376 29.22 5.86 7.52
CA GLN A 376 30.09 5.94 6.32
C GLN A 376 31.45 6.47 6.79
N VAL A 377 32.53 6.04 6.12
CA VAL A 377 33.93 6.32 6.53
C VAL A 377 34.67 7.01 5.38
N ALA A 378 35.49 8.00 5.70
CA ALA A 378 36.35 8.75 4.76
C ALA A 378 37.76 8.87 5.36
N GLU A 379 38.80 8.79 4.51
CA GLU A 379 40.21 9.03 4.91
C GLU A 379 40.48 10.54 4.81
N VAL A 380 40.34 11.26 5.93
CA VAL A 380 40.36 12.75 6.01
C VAL A 380 41.80 13.26 5.91
N GLU A 381 42.75 12.48 6.45
CA GLU A 381 44.22 12.69 6.31
C GLU A 381 44.87 11.32 6.24
N PRO A 382 46.13 11.22 5.72
CA PRO A 382 46.78 9.91 5.57
C PRO A 382 46.74 9.06 6.84
N GLY A 383 46.13 7.86 6.74
CA GLY A 383 46.03 6.87 7.84
C GLY A 383 45.02 7.26 8.90
N VAL A 384 44.18 8.26 8.63
CA VAL A 384 43.21 8.84 9.61
C VAL A 384 41.79 8.68 9.08
N LEU A 385 41.03 7.75 9.65
CA LEU A 385 39.63 7.44 9.24
C LEU A 385 38.66 8.23 10.11
N MET A 386 37.72 8.92 9.46
CA MET A 386 36.56 9.61 10.09
C MET A 386 35.31 8.75 9.88
N LEU A 387 34.72 8.24 10.98
CA LEU A 387 33.43 7.51 10.95
C LEU A 387 32.31 8.48 11.31
N ASN A 388 31.31 8.57 10.44
CA ASN A 388 30.15 9.48 10.55
C ASN A 388 28.89 8.62 10.73
N MET A 389 28.25 8.68 11.91
CA MET A 389 27.34 7.64 12.42
C MET A 389 25.92 8.18 12.65
N ARG A 390 24.92 7.42 12.21
CA ARG A 390 23.51 7.50 12.67
C ARG A 390 23.46 7.21 14.18
N ASP A 391 22.88 8.12 14.96
CA ASP A 391 22.87 8.08 16.45
C ASP A 391 21.42 7.99 16.93
N ASN A 392 21.09 6.95 17.69
CA ASN A 392 19.70 6.67 18.17
C ASN A 392 19.30 7.70 19.25
N ARG A 393 20.22 8.54 19.71
CA ARG A 393 19.95 9.60 20.70
C ARG A 393 19.18 10.75 20.03
N GLY A 394 19.31 10.90 18.70
CA GLY A 394 18.55 11.86 17.89
C GLY A 394 19.24 13.21 17.78
N GLY A 395 18.90 13.99 16.74
CA GLY A 395 19.26 15.41 16.63
C GLY A 395 20.47 15.67 15.75
N SER A 396 21.50 14.82 15.79
CA SER A 396 22.82 15.13 15.15
C SER A 396 23.65 13.86 14.93
N ARG A 397 24.57 13.92 13.95
CA ARG A 397 25.47 12.80 13.59
C ARG A 397 26.56 12.65 14.66
N ALA A 398 26.88 11.41 15.03
CA ALA A 398 28.11 11.07 15.78
C ALA A 398 29.31 11.06 14.81
N VAL A 399 30.44 11.63 15.24
CA VAL A 399 31.69 11.67 14.43
C VAL A 399 32.85 11.26 15.34
N SER A 400 33.58 10.21 14.94
CA SER A 400 34.76 9.69 15.67
C SER A 400 35.91 9.51 14.68
N ILE A 401 37.13 9.37 15.23
CA ILE A 401 38.41 9.25 14.49
C ILE A 401 39.13 7.99 15.00
N THR A 402 39.70 7.21 14.08
CA THR A 402 40.66 6.12 14.38
C THR A 402 41.89 6.31 13.48
N ARG A 403 43.09 6.02 13.98
CA ARG A 403 44.31 5.96 13.15
C ARG A 403 44.96 4.59 13.30
N ASP A 404 44.18 3.61 13.77
CA ASP A 404 44.62 2.20 13.95
C ASP A 404 43.49 1.26 13.50
N LEU A 405 42.71 1.65 12.49
CA LEU A 405 41.65 0.82 11.85
C LEU A 405 40.64 0.33 12.90
N GLY A 406 40.39 1.15 13.92
CA GLY A 406 39.30 0.94 14.89
C GLY A 406 39.69 0.06 16.06
N LYS A 407 40.99 -0.09 16.35
CA LYS A 407 41.48 -0.67 17.63
C LYS A 407 41.16 0.33 18.74
N SER A 408 41.31 1.63 18.45
CA SER A 408 40.99 2.76 19.36
C SER A 408 40.25 3.85 18.59
N TRP A 409 39.49 4.69 19.31
CA TRP A 409 38.58 5.73 18.75
C TRP A 409 38.67 7.00 19.58
N THR A 410 38.63 8.15 18.91
CA THR A 410 38.59 9.51 19.53
C THR A 410 37.37 10.25 18.99
N GLU A 411 36.61 10.91 19.87
CA GLU A 411 35.51 11.82 19.49
C GLU A 411 36.10 12.98 18.69
N HIS A 412 35.49 13.31 17.54
CA HIS A 412 35.86 14.48 16.71
C HIS A 412 35.16 15.72 17.28
N SER A 413 35.74 16.91 17.05
CA SER A 413 35.19 18.21 17.51
C SER A 413 33.77 18.42 16.97
N SER A 414 33.44 17.86 15.81
CA SER A 414 32.12 18.04 15.13
C SER A 414 31.07 17.07 15.68
N ASN A 415 31.48 16.11 16.53
CA ASN A 415 30.60 15.08 17.16
C ASN A 415 29.35 15.75 17.74
N ARG A 416 28.18 15.24 17.38
CA ARG A 416 26.88 15.54 18.05
C ARG A 416 26.68 17.05 18.16
N SER A 417 26.97 17.81 17.09
CA SER A 417 26.88 19.29 17.09
C SER A 417 26.74 19.83 15.67
N ALA A 418 27.71 19.56 14.80
CA ALA A 418 27.89 20.25 13.50
C ALA A 418 26.87 19.80 12.44
N LEU A 419 26.41 18.54 12.48
CA LEU A 419 25.58 17.95 11.39
C LEU A 419 24.25 17.44 11.95
N PRO A 420 23.16 18.23 11.81
CA PRO A 420 21.82 17.78 12.18
C PRO A 420 21.36 16.52 11.42
N GLU A 421 20.61 15.64 12.09
CA GLU A 421 19.91 14.50 11.44
C GLU A 421 18.63 14.13 12.21
N SER A 422 17.78 13.30 11.59
CA SER A 422 16.50 12.81 12.13
C SER A 422 16.61 11.31 12.46
N ILE A 423 17.84 10.80 12.55
CA ILE A 423 18.18 9.35 12.69
C ILE A 423 17.91 8.68 11.33
N CYS A 424 18.88 8.78 10.42
CA CYS A 424 18.76 8.42 8.99
C CYS A 424 20.17 8.16 8.44
N MET A 425 20.27 7.28 7.45
CA MET A 425 21.53 7.04 6.71
C MET A 425 22.04 8.39 6.17
N ALA A 426 23.35 8.62 6.22
CA ALA A 426 24.03 9.78 5.62
C ALA A 426 25.26 9.31 4.85
N SER A 427 25.64 10.05 3.80
CA SER A 427 26.86 9.80 2.99
C SER A 427 27.95 10.81 3.38
N LEU A 428 29.20 10.33 3.47
CA LEU A 428 30.41 11.15 3.65
C LEU A 428 31.49 10.61 2.70
N ILE A 429 32.16 11.48 1.95
CA ILE A 429 33.35 11.11 1.12
C ILE A 429 34.43 12.17 1.29
N SER A 430 35.68 11.78 1.06
CA SER A 430 36.87 12.68 1.00
C SER A 430 37.26 12.86 -0.47
N VAL A 431 37.74 14.05 -0.84
CA VAL A 431 38.28 14.35 -2.20
C VAL A 431 39.63 15.01 -2.00
N LYS A 432 40.69 14.43 -2.58
CA LYS A 432 42.06 14.97 -2.47
C LYS A 432 42.17 16.26 -3.29
N ALA A 433 43.03 17.17 -2.87
CA ALA A 433 43.27 18.49 -3.50
C ALA A 433 43.62 18.31 -4.98
N LYS A 434 44.46 17.32 -5.30
CA LYS A 434 44.98 17.08 -6.68
C LYS A 434 43.93 16.38 -7.54
N ASP A 435 42.79 15.98 -6.96
CA ASP A 435 41.76 15.16 -7.67
C ASP A 435 40.53 16.02 -8.02
N ASN A 436 40.54 17.32 -7.70
CA ASN A 436 39.36 18.20 -7.95
C ASN A 436 39.81 19.62 -8.34
N ILE A 437 38.90 20.33 -9.02
CA ILE A 437 39.12 21.66 -9.69
C ILE A 437 39.46 22.74 -8.65
N ILE A 438 38.98 22.63 -7.41
CA ILE A 438 39.19 23.65 -6.33
C ILE A 438 40.68 23.63 -5.92
N GLY A 439 41.34 22.48 -6.03
CA GLY A 439 42.75 22.31 -5.64
C GLY A 439 42.94 22.29 -4.13
N LYS A 440 41.88 21.92 -3.38
CA LYS A 440 41.88 21.82 -1.89
C LYS A 440 41.22 20.50 -1.48
N ASP A 441 41.71 19.88 -0.41
CA ASP A 441 41.07 18.70 0.23
C ASP A 441 39.63 19.08 0.56
N LEU A 442 38.67 18.22 0.22
CA LEU A 442 37.22 18.39 0.55
C LEU A 442 36.76 17.18 1.35
N LEU A 443 35.87 17.41 2.31
CA LEU A 443 34.86 16.42 2.76
C LEU A 443 33.50 16.85 2.19
N LEU A 444 32.77 15.91 1.60
CA LEU A 444 31.38 16.12 1.12
C LEU A 444 30.45 15.18 1.87
N PHE A 445 29.34 15.70 2.35
CA PHE A 445 28.34 14.99 3.19
C PHE A 445 26.96 15.22 2.58
N SER A 446 26.09 14.22 2.63
CA SER A 446 24.66 14.36 2.22
C SER A 446 23.77 13.57 3.18
N ASN A 447 22.63 14.17 3.53
CA ASN A 447 21.56 13.56 4.38
C ASN A 447 20.34 14.46 4.30
N PRO A 448 19.19 14.06 4.90
CA PRO A 448 18.07 14.97 5.13
C PRO A 448 18.47 16.01 6.20
N ASN A 449 18.60 17.28 5.81
CA ASN A 449 19.10 18.39 6.67
C ASN A 449 17.96 18.89 7.58
N THR A 450 17.58 18.07 8.56
CA THR A 450 16.44 18.32 9.50
C THR A 450 16.59 17.38 10.71
N THR A 451 15.98 17.71 11.84
CA THR A 451 15.97 16.87 13.07
C THR A 451 14.66 16.08 13.14
N GLU A 452 13.72 16.32 12.21
CA GLU A 452 12.39 15.65 12.19
C GLU A 452 12.04 15.34 10.72
N GLY A 453 11.59 14.11 10.46
CA GLY A 453 11.17 13.63 9.14
C GLY A 453 12.36 13.40 8.22
N ARG A 454 12.08 13.14 6.94
CA ARG A 454 13.11 12.90 5.90
C ARG A 454 12.77 13.77 4.68
N HIS A 455 13.48 14.89 4.57
CA HIS A 455 13.29 15.96 3.56
C HIS A 455 14.49 16.90 3.63
N HIS A 456 14.57 17.86 2.71
CA HIS A 456 15.68 18.84 2.59
C HIS A 456 17.00 18.07 2.43
N ILE A 457 17.02 17.09 1.52
CA ILE A 457 18.27 16.38 1.08
C ILE A 457 19.24 17.46 0.60
N THR A 458 20.43 17.54 1.21
CA THR A 458 21.40 18.64 1.03
C THR A 458 22.80 18.03 0.92
N ILE A 459 23.61 18.50 -0.04
CA ILE A 459 25.07 18.24 -0.06
C ILE A 459 25.75 19.38 0.69
N LYS A 460 26.63 19.04 1.63
CA LYS A 460 27.44 20.00 2.43
C LYS A 460 28.91 19.70 2.14
N ALA A 461 29.73 20.75 2.09
CA ALA A 461 31.19 20.64 1.87
C ALA A 461 31.93 21.28 3.06
N SER A 462 33.05 20.65 3.45
CA SER A 462 33.99 21.17 4.48
C SER A 462 35.37 21.31 3.85
N LEU A 463 36.01 22.46 4.08
CA LEU A 463 37.38 22.76 3.61
C LEU A 463 38.40 22.48 4.71
N ASP A 464 37.96 22.19 5.94
CA ASP A 464 38.84 22.02 7.14
C ASP A 464 38.62 20.64 7.76
N GLY A 465 38.50 19.59 6.94
CA GLY A 465 38.45 18.18 7.36
C GLY A 465 37.29 17.87 8.30
N GLY A 466 36.15 18.53 8.11
CA GLY A 466 34.88 18.24 8.80
C GLY A 466 34.79 18.89 10.16
N VAL A 467 35.64 19.88 10.47
CA VAL A 467 35.55 20.68 11.72
C VAL A 467 34.38 21.66 11.56
N THR A 468 34.24 22.24 10.38
CA THR A 468 33.22 23.27 10.05
C THR A 468 32.48 22.90 8.76
N TRP A 469 31.18 23.13 8.74
CA TRP A 469 30.27 23.04 7.57
C TRP A 469 29.56 24.37 7.39
N LEU A 470 30.22 25.32 6.72
CA LEU A 470 29.69 26.70 6.52
C LEU A 470 28.39 26.61 5.71
N PRO A 471 27.32 27.32 6.15
CA PRO A 471 26.04 27.35 5.43
C PRO A 471 26.15 27.65 3.93
N ALA A 472 27.10 28.53 3.55
CA ALA A 472 27.31 28.97 2.15
C ALA A 472 27.76 27.80 1.27
N HIS A 473 28.46 26.80 1.85
CA HIS A 473 29.05 25.64 1.12
C HIS A 473 28.06 24.45 1.10
N GLN A 474 26.79 24.74 0.81
CA GLN A 474 25.67 23.74 0.87
C GLN A 474 24.76 23.95 -0.34
N VAL A 475 24.22 22.86 -0.88
CA VAL A 475 23.22 22.89 -2.00
C VAL A 475 22.03 22.03 -1.57
N LEU A 476 20.84 22.66 -1.49
CA LEU A 476 19.55 21.96 -1.26
C LEU A 476 19.11 21.34 -2.59
N LEU A 477 18.84 20.04 -2.60
CA LEU A 477 18.42 19.27 -3.80
C LEU A 477 16.93 18.89 -3.74
N ASP A 478 16.37 18.56 -2.57
CA ASP A 478 15.00 18.00 -2.46
C ASP A 478 14.37 18.39 -1.13
N GLU A 479 13.51 19.42 -1.13
CA GLU A 479 12.86 19.97 0.09
C GLU A 479 11.61 19.17 0.48
N GLU A 480 11.16 18.21 -0.34
CA GLU A 480 9.92 17.44 -0.08
C GLU A 480 10.28 16.06 0.49
N ASP A 481 9.25 15.28 0.86
CA ASP A 481 9.36 14.07 1.71
C ASP A 481 9.82 12.89 0.86
N GLY A 482 10.76 12.12 1.40
CA GLY A 482 11.26 10.86 0.81
C GLY A 482 11.74 9.92 1.89
N TRP A 483 12.41 8.84 1.51
CA TRP A 483 12.90 7.80 2.47
C TRP A 483 14.30 8.18 2.96
N GLY A 484 14.96 9.15 2.32
CA GLY A 484 16.05 9.95 2.93
C GLY A 484 17.46 9.46 2.68
N TYR A 485 17.67 8.17 2.31
CA TYR A 485 19.03 7.59 2.15
C TYR A 485 19.67 8.15 0.87
N SER A 486 20.99 8.35 0.90
CA SER A 486 21.78 8.96 -0.21
C SER A 486 23.19 8.38 -0.22
N CYS A 487 23.89 8.49 -1.35
CA CYS A 487 25.33 8.12 -1.46
C CYS A 487 26.01 9.03 -2.49
N LEU A 488 27.18 9.58 -2.13
CA LEU A 488 27.98 10.50 -2.95
C LEU A 488 29.12 9.72 -3.62
N SER A 489 29.48 10.12 -4.84
CA SER A 489 30.73 9.74 -5.55
C SER A 489 31.12 10.87 -6.48
N MET A 490 32.39 11.29 -6.45
CA MET A 490 32.94 12.22 -7.46
C MET A 490 32.82 11.55 -8.84
N ILE A 491 32.25 12.26 -9.80
CA ILE A 491 32.08 11.78 -11.21
C ILE A 491 33.41 12.02 -11.93
N ASP A 492 33.94 13.23 -11.79
CA ASP A 492 35.19 13.70 -12.45
C ASP A 492 35.82 14.76 -11.53
N ARG A 493 36.69 15.61 -12.04
CA ARG A 493 37.43 16.62 -11.25
C ARG A 493 36.51 17.76 -10.82
N GLU A 494 35.35 17.94 -11.50
CA GLU A 494 34.54 19.18 -11.41
C GLU A 494 33.16 18.95 -10.78
N THR A 495 32.70 17.69 -10.69
CA THR A 495 31.28 17.38 -10.38
C THR A 495 31.20 16.21 -9.39
N VAL A 496 30.33 16.35 -8.39
CA VAL A 496 29.95 15.25 -7.45
C VAL A 496 28.61 14.69 -7.91
N GLY A 497 28.50 13.36 -7.87
CA GLY A 497 27.26 12.61 -8.14
C GLY A 497 26.61 12.18 -6.84
N ILE A 498 25.28 12.26 -6.79
CA ILE A 498 24.47 11.80 -5.62
C ILE A 498 23.40 10.84 -6.15
N PHE A 499 23.35 9.64 -5.56
CA PHE A 499 22.38 8.56 -5.83
C PHE A 499 21.55 8.40 -4.56
N TYR A 500 20.27 8.80 -4.59
CA TYR A 500 19.48 8.96 -3.35
C TYR A 500 17.99 8.65 -3.59
N GLU A 501 17.34 8.29 -2.48
CA GLU A 501 15.87 8.14 -2.36
C GLU A 501 15.30 9.55 -2.19
N SER A 502 14.46 9.98 -3.14
CA SER A 502 13.97 11.38 -3.27
C SER A 502 12.44 11.39 -3.28
N SER A 503 11.85 12.59 -3.30
CA SER A 503 10.40 12.82 -3.43
C SER A 503 9.92 12.47 -4.85
N VAL A 504 10.84 12.30 -5.81
CA VAL A 504 10.50 12.20 -7.28
C VAL A 504 10.87 10.83 -7.85
N ALA A 505 11.68 10.01 -7.16
CA ALA A 505 11.98 8.63 -7.59
C ALA A 505 12.72 7.86 -6.49
N HIS A 506 12.45 6.55 -6.40
CA HIS A 506 13.06 5.62 -5.41
C HIS A 506 14.58 5.70 -5.51
N MET A 507 15.14 5.67 -6.72
CA MET A 507 16.58 5.90 -6.97
C MET A 507 16.74 7.06 -7.95
N THR A 508 17.21 8.19 -7.43
CA THR A 508 17.40 9.47 -8.15
C THR A 508 18.91 9.73 -8.25
N PHE A 509 19.40 10.04 -9.44
CA PHE A 509 20.78 10.54 -9.66
C PHE A 509 20.72 12.02 -10.04
N GLN A 510 21.58 12.82 -9.40
CA GLN A 510 21.86 14.24 -9.75
C GLN A 510 23.38 14.43 -9.77
N ALA A 511 23.86 15.36 -10.59
CA ALA A 511 25.28 15.80 -10.67
C ALA A 511 25.32 17.27 -10.28
N VAL A 512 26.33 17.67 -9.50
CA VAL A 512 26.47 19.05 -8.98
C VAL A 512 27.93 19.47 -9.16
N LYS A 513 28.17 20.63 -9.77
CA LYS A 513 29.50 21.27 -9.86
C LYS A 513 29.98 21.56 -8.45
N ILE A 514 31.25 21.25 -8.17
CA ILE A 514 31.97 21.60 -6.92
C ILE A 514 31.95 23.13 -6.74
N LYS A 515 32.03 23.89 -7.84
CA LYS A 515 32.09 25.38 -7.83
C LYS A 515 30.74 25.96 -7.42
N ASP A 516 29.65 25.17 -7.46
CA ASP A 516 28.33 25.53 -6.87
C ASP A 516 28.40 25.37 -5.34
N LEU A 517 29.04 24.29 -4.87
CA LEU A 517 29.25 24.03 -3.41
C LEU A 517 30.17 25.11 -2.83
N ILE A 518 31.32 25.39 -3.46
CA ILE A 518 32.39 26.25 -2.88
C ILE A 518 32.48 27.58 -3.65
N ARG A 519 31.92 28.65 -3.07
CA ARG A 519 31.85 30.03 -3.64
C ARG A 519 31.15 30.00 -4.99
N ASP B 1 7.98 -36.17 16.34
CA ASP B 1 6.73 -36.90 15.97
C ASP B 1 5.53 -36.24 16.63
N SER B 2 5.34 -34.92 16.42
CA SER B 2 4.17 -34.13 16.88
C SER B 2 3.84 -33.00 15.89
N VAL B 3 2.71 -33.08 15.17
CA VAL B 3 2.34 -32.18 14.04
C VAL B 3 0.97 -31.58 14.33
N TYR B 4 0.79 -30.28 14.06
CA TYR B 4 -0.47 -29.52 14.25
C TYR B 4 -1.05 -29.17 12.89
N VAL B 5 -2.35 -29.42 12.72
CA VAL B 5 -3.13 -29.18 11.48
C VAL B 5 -4.27 -28.23 11.82
N GLN B 6 -4.52 -27.25 10.95
CA GLN B 6 -5.71 -26.38 10.97
C GLN B 6 -6.44 -26.54 9.64
N ASN B 7 -7.77 -26.69 9.69
CA ASN B 7 -8.69 -26.61 8.52
C ASN B 7 -9.46 -25.29 8.67
N PRO B 8 -8.97 -24.18 8.08
CA PRO B 8 -9.56 -22.86 8.32
C PRO B 8 -10.94 -22.69 7.66
N GLN B 9 -11.94 -22.25 8.42
CA GLN B 9 -13.30 -21.97 7.89
C GLN B 9 -13.24 -20.66 7.08
N ILE B 10 -12.68 -20.73 5.87
CA ILE B 10 -12.69 -19.62 4.87
C ILE B 10 -13.22 -20.16 3.55
N PRO B 11 -13.86 -19.30 2.71
CA PRO B 11 -14.40 -19.77 1.44
C PRO B 11 -13.32 -20.34 0.50
N ILE B 12 -13.62 -21.49 -0.10
CA ILE B 12 -12.87 -22.06 -1.27
C ILE B 12 -13.47 -21.43 -2.53
N LEU B 13 -12.72 -20.53 -3.16
CA LEU B 13 -13.14 -19.79 -4.38
C LEU B 13 -12.95 -20.68 -5.61
N VAL B 14 -14.03 -20.89 -6.36
CA VAL B 14 -14.10 -21.76 -7.56
C VAL B 14 -13.29 -21.11 -8.70
N ASP B 15 -13.04 -19.81 -8.63
CA ASP B 15 -12.33 -19.02 -9.67
C ASP B 15 -10.88 -18.77 -9.27
N ARG B 16 -10.39 -19.39 -8.19
CA ARG B 16 -8.99 -19.23 -7.72
C ARG B 16 -8.14 -20.43 -8.19
N THR B 17 -6.83 -20.21 -8.35
CA THR B 17 -5.83 -21.26 -8.62
C THR B 17 -5.50 -21.97 -7.31
N ASP B 18 -5.29 -21.22 -6.23
CA ASP B 18 -4.98 -21.75 -4.88
C ASP B 18 -6.03 -21.31 -3.86
N ASN B 19 -6.39 -22.22 -2.97
CA ASN B 19 -7.21 -21.98 -1.76
C ASN B 19 -6.55 -22.78 -0.63
N VAL B 20 -6.39 -22.18 0.54
CA VAL B 20 -5.80 -22.87 1.74
C VAL B 20 -6.79 -23.91 2.23
N LEU B 21 -6.49 -25.20 2.07
CA LEU B 21 -7.32 -26.32 2.61
C LEU B 21 -6.85 -26.66 4.02
N PHE B 22 -5.54 -26.85 4.18
CA PHE B 22 -4.89 -27.16 5.48
C PHE B 22 -3.68 -26.24 5.64
N ARG B 23 -3.49 -25.68 6.84
CA ARG B 23 -2.19 -25.13 7.28
C ARG B 23 -1.59 -26.13 8.27
N ILE B 24 -0.27 -26.32 8.24
CA ILE B 24 0.42 -27.35 9.05
C ILE B 24 1.64 -26.71 9.73
N ARG B 25 1.73 -26.83 11.05
CA ARG B 25 2.91 -26.41 11.86
C ARG B 25 3.59 -27.66 12.43
N ILE B 26 4.85 -27.88 12.07
CA ILE B 26 5.76 -28.87 12.72
C ILE B 26 6.68 -28.07 13.63
N PRO B 27 6.39 -28.00 14.94
CA PRO B 27 7.02 -27.02 15.82
C PRO B 27 8.45 -27.37 16.31
N ASP B 28 8.79 -28.65 16.38
CA ASP B 28 9.98 -29.15 17.13
C ASP B 28 10.86 -30.02 16.23
N ALA B 29 11.10 -29.58 14.98
CA ALA B 29 11.89 -30.32 13.97
C ALA B 29 13.37 -30.29 14.32
N THR B 30 14.08 -31.40 14.05
CA THR B 30 15.56 -31.51 14.04
C THR B 30 16.04 -31.18 12.62
N LYS B 31 17.11 -30.37 12.49
CA LYS B 31 17.65 -29.99 11.15
C LYS B 31 17.86 -31.25 10.33
N GLY B 32 17.19 -31.35 9.17
CA GLY B 32 17.32 -32.48 8.22
C GLY B 32 16.11 -33.40 8.20
N ASP B 33 15.19 -33.26 9.17
CA ASP B 33 13.89 -34.00 9.18
C ASP B 33 13.17 -33.77 7.85
N VAL B 34 12.54 -34.81 7.30
CA VAL B 34 11.84 -34.76 5.99
C VAL B 34 10.43 -35.30 6.19
N LEU B 35 9.43 -34.48 5.84
CA LEU B 35 8.01 -34.90 5.66
C LEU B 35 7.96 -35.74 4.38
N ASN B 36 8.13 -37.06 4.52
CA ASN B 36 8.22 -38.02 3.40
C ASN B 36 6.89 -38.06 2.65
N ARG B 37 5.78 -38.22 3.38
CA ARG B 37 4.42 -38.17 2.78
C ARG B 37 3.38 -37.76 3.83
N LEU B 38 2.33 -37.09 3.38
CA LEU B 38 1.09 -36.89 4.16
C LEU B 38 -0.11 -37.34 3.33
N THR B 39 -1.07 -37.99 4.00
CA THR B 39 -2.29 -38.56 3.39
C THR B 39 -3.49 -37.69 3.79
N ILE B 40 -4.29 -37.30 2.79
CA ILE B 40 -5.57 -36.56 2.94
C ILE B 40 -6.72 -37.51 2.60
N ARG B 41 -7.79 -37.46 3.39
CA ARG B 41 -9.03 -38.24 3.17
C ARG B 41 -10.22 -37.28 3.02
N PHE B 42 -11.06 -37.49 2.00
CA PHE B 42 -12.29 -36.71 1.74
C PHE B 42 -13.51 -37.58 2.13
N GLY B 43 -14.56 -36.94 2.66
CA GLY B 43 -15.84 -37.59 3.02
C GLY B 43 -16.42 -38.37 1.86
N ASN B 44 -17.14 -39.45 2.16
CA ASN B 44 -17.64 -40.44 1.16
C ASN B 44 -18.59 -39.77 0.16
N GLU B 45 -19.28 -38.69 0.56
CA GLU B 45 -20.36 -38.05 -0.24
C GLU B 45 -19.81 -36.82 -0.99
N ASP B 46 -18.52 -36.52 -0.86
CA ASP B 46 -17.87 -35.36 -1.53
C ASP B 46 -17.83 -35.60 -3.05
N LYS B 47 -18.08 -34.55 -3.84
CA LYS B 47 -18.03 -34.57 -5.32
C LYS B 47 -16.60 -34.28 -5.78
N LEU B 48 -15.73 -35.29 -5.77
CA LEU B 48 -14.27 -35.16 -6.08
C LEU B 48 -14.08 -34.84 -7.58
N SER B 49 -15.11 -35.01 -8.40
N SER B 49 -15.11 -35.06 -8.39
CA SER B 49 -15.08 -34.70 -9.86
CA SER B 49 -15.20 -34.69 -9.84
C SER B 49 -14.90 -33.20 -10.09
C SER B 49 -14.83 -33.21 -10.03
N GLU B 50 -15.32 -32.35 -9.14
CA GLU B 50 -15.19 -30.87 -9.23
C GLU B 50 -13.82 -30.39 -8.72
N VAL B 51 -13.03 -31.27 -8.07
CA VAL B 51 -11.67 -30.94 -7.55
C VAL B 51 -10.65 -31.12 -8.69
N LYS B 52 -10.01 -30.02 -9.08
CA LYS B 52 -9.09 -29.95 -10.25
C LYS B 52 -7.69 -30.39 -9.84
N ALA B 53 -7.21 -29.96 -8.66
CA ALA B 53 -5.83 -30.26 -8.19
C ALA B 53 -5.70 -30.01 -6.68
N VAL B 54 -4.81 -30.78 -6.04
CA VAL B 54 -4.36 -30.61 -4.63
C VAL B 54 -2.83 -30.51 -4.64
N ARG B 55 -2.28 -29.47 -4.00
CA ARG B 55 -0.83 -29.16 -3.94
C ARG B 55 -0.37 -29.10 -2.49
N LEU B 56 0.83 -29.61 -2.21
CA LEU B 56 1.55 -29.44 -0.92
C LEU B 56 2.64 -28.40 -1.14
N PHE B 57 2.65 -27.35 -0.31
CA PHE B 57 3.62 -26.23 -0.31
C PHE B 57 4.46 -26.30 0.96
N TYR B 58 5.69 -25.78 0.89
CA TYR B 58 6.57 -25.47 2.05
C TYR B 58 6.76 -23.97 2.10
N ALA B 59 6.58 -23.35 3.28
CA ALA B 59 6.68 -21.89 3.51
C ALA B 59 7.79 -21.57 4.52
N GLY B 60 8.74 -22.49 4.71
CA GLY B 60 9.91 -22.27 5.58
C GLY B 60 9.54 -22.26 7.05
N THR B 61 10.06 -21.29 7.80
CA THR B 61 10.08 -21.28 9.29
C THR B 61 9.40 -20.02 9.80
N GLU B 62 9.52 -19.78 11.11
CA GLU B 62 8.92 -18.62 11.83
C GLU B 62 10.06 -17.75 12.36
N ALA B 63 9.77 -16.47 12.57
CA ALA B 63 10.66 -15.51 13.28
C ALA B 63 10.72 -15.91 14.77
N ALA B 64 11.86 -15.68 15.41
CA ALA B 64 12.15 -16.14 16.79
C ALA B 64 11.20 -15.48 17.79
N THR B 65 10.67 -14.29 17.49
CA THR B 65 9.91 -13.46 18.45
C THR B 65 8.39 -13.55 18.21
N LYS B 66 7.93 -14.38 17.26
CA LYS B 66 6.50 -14.41 16.85
C LYS B 66 5.77 -15.60 17.50
N GLY B 67 6.42 -16.32 18.42
CA GLY B 67 5.75 -17.37 19.22
C GLY B 67 5.44 -18.59 18.37
N ARG B 68 4.90 -19.65 19.00
CA ARG B 68 4.93 -21.03 18.44
C ARG B 68 3.52 -21.57 18.18
N SER B 69 2.50 -20.70 18.16
CA SER B 69 1.06 -21.10 18.02
C SER B 69 0.47 -20.63 16.68
N ARG B 70 1.27 -20.03 15.80
CA ARG B 70 0.81 -19.54 14.47
C ARG B 70 0.77 -20.74 13.51
N PHE B 71 -0.05 -20.68 12.46
CA PHE B 71 -0.19 -21.76 11.46
C PHE B 71 0.46 -21.34 10.13
N ALA B 72 1.08 -20.16 10.09
CA ALA B 72 1.71 -19.57 8.89
C ALA B 72 2.60 -18.39 9.29
N PRO B 73 3.67 -18.08 8.53
CA PRO B 73 4.47 -16.88 8.77
C PRO B 73 3.94 -15.62 8.05
N VAL B 74 2.95 -15.78 7.19
CA VAL B 74 2.49 -14.73 6.22
C VAL B 74 1.23 -15.22 5.52
N THR B 75 0.44 -14.29 4.99
CA THR B 75 -0.69 -14.55 4.06
C THR B 75 -0.14 -15.34 2.85
N TYR B 76 -0.66 -16.54 2.62
CA TYR B 76 -0.23 -17.45 1.53
C TYR B 76 -0.84 -16.99 0.21
N VAL B 77 -2.13 -16.68 0.20
CA VAL B 77 -2.87 -16.22 -1.01
C VAL B 77 -3.46 -14.85 -0.70
N SER B 78 -2.95 -13.80 -1.33
CA SER B 78 -3.29 -12.38 -1.05
C SER B 78 -4.66 -12.06 -1.66
N SER B 79 -5.43 -11.20 -0.98
CA SER B 79 -6.71 -10.63 -1.47
C SER B 79 -6.53 -9.13 -1.80
N HIS B 80 -5.29 -8.63 -1.71
CA HIS B 80 -4.97 -7.17 -1.87
C HIS B 80 -3.97 -6.93 -3.01
N ASN B 81 -3.08 -7.88 -3.30
CA ASN B 81 -2.01 -7.72 -4.31
C ASN B 81 -2.65 -7.64 -5.71
N ILE B 82 -2.65 -6.44 -6.31
CA ILE B 82 -3.30 -6.16 -7.62
C ILE B 82 -2.66 -7.02 -8.73
N ARG B 83 -1.42 -7.51 -8.52
CA ARG B 83 -0.66 -8.30 -9.51
C ARG B 83 -0.98 -9.79 -9.40
N ASN B 84 -1.54 -10.26 -8.27
CA ASN B 84 -1.89 -11.69 -8.06
C ASN B 84 -2.74 -11.86 -6.80
N THR B 85 -4.05 -12.14 -6.98
CA THR B 85 -5.00 -12.47 -5.89
C THR B 85 -5.51 -13.92 -6.06
N ARG B 86 -5.03 -14.66 -7.05
CA ARG B 86 -5.69 -15.91 -7.50
C ARG B 86 -4.82 -17.15 -7.21
N SER B 87 -3.50 -16.99 -7.10
CA SER B 87 -2.54 -18.10 -6.81
C SER B 87 -1.64 -17.73 -5.63
N ALA B 88 -1.07 -18.74 -4.95
CA ALA B 88 -0.10 -18.55 -3.86
C ALA B 88 1.04 -17.64 -4.33
N ASN B 89 1.44 -16.65 -3.52
CA ASN B 89 2.65 -15.84 -3.82
C ASN B 89 3.84 -16.81 -3.87
N PRO B 90 4.50 -16.96 -5.03
CA PRO B 90 5.56 -17.97 -5.17
C PRO B 90 6.78 -17.67 -4.28
N SER B 91 6.95 -16.43 -3.83
CA SER B 91 8.05 -16.02 -2.93
C SER B 91 7.80 -16.49 -1.49
N TYR B 92 6.60 -16.92 -1.12
CA TYR B 92 6.27 -17.37 0.27
C TYR B 92 6.06 -18.89 0.33
N SER B 93 5.79 -19.54 -0.81
CA SER B 93 5.40 -20.97 -0.89
C SER B 93 6.05 -21.65 -2.10
N ILE B 94 6.76 -22.75 -1.87
CA ILE B 94 7.40 -23.61 -2.92
C ILE B 94 6.61 -24.92 -3.01
N ARG B 95 6.13 -25.26 -4.21
CA ARG B 95 5.36 -26.50 -4.45
C ARG B 95 6.29 -27.70 -4.24
N GLN B 96 5.83 -28.66 -3.44
CA GLN B 96 6.56 -29.93 -3.13
C GLN B 96 6.00 -31.05 -4.00
N ASP B 97 4.67 -31.16 -4.07
CA ASP B 97 3.93 -32.22 -4.81
C ASP B 97 2.64 -31.63 -5.37
N GLU B 98 2.02 -32.35 -6.31
CA GLU B 98 0.72 -31.97 -6.92
C GLU B 98 0.04 -33.23 -7.46
N VAL B 99 -1.26 -33.37 -7.18
CA VAL B 99 -2.15 -34.45 -7.73
C VAL B 99 -3.28 -33.76 -8.51
N THR B 100 -3.52 -34.18 -9.77
CA THR B 100 -4.51 -33.56 -10.70
C THR B 100 -5.69 -34.52 -10.95
N THR B 101 -5.65 -35.73 -10.39
CA THR B 101 -6.78 -36.69 -10.34
C THR B 101 -6.98 -37.10 -8.88
N VAL B 102 -8.09 -36.69 -8.26
CA VAL B 102 -8.29 -36.74 -6.78
C VAL B 102 -9.21 -37.91 -6.43
N ALA B 103 -8.72 -38.83 -5.60
CA ALA B 103 -9.48 -39.95 -4.98
C ALA B 103 -9.78 -39.62 -3.51
N ASN B 104 -10.59 -40.46 -2.86
CA ASN B 104 -11.05 -40.28 -1.45
C ASN B 104 -9.82 -40.31 -0.52
N THR B 105 -8.80 -41.08 -0.86
CA THR B 105 -7.45 -41.07 -0.22
C THR B 105 -6.47 -40.47 -1.22
N LEU B 106 -5.53 -39.65 -0.72
CA LEU B 106 -4.57 -38.86 -1.52
C LEU B 106 -3.26 -38.76 -0.72
N THR B 107 -2.12 -38.99 -1.36
CA THR B 107 -0.77 -38.91 -0.74
C THR B 107 0.04 -37.83 -1.44
N LEU B 108 0.60 -36.88 -0.66
CA LEU B 108 1.54 -35.83 -1.13
C LEU B 108 2.89 -36.08 -0.45
N LYS B 109 3.98 -35.87 -1.19
CA LYS B 109 5.37 -36.20 -0.78
C LYS B 109 6.24 -34.93 -0.86
N THR B 110 7.31 -34.90 -0.07
CA THR B 110 8.40 -33.89 -0.15
C THR B 110 9.73 -34.61 0.07
N ARG B 111 10.84 -33.99 -0.34
CA ARG B 111 12.21 -34.40 0.03
C ARG B 111 12.91 -33.22 0.73
N GLN B 112 12.12 -32.22 1.18
CA GLN B 112 12.65 -30.95 1.76
C GLN B 112 13.26 -31.20 3.13
N PRO B 113 14.58 -30.97 3.32
CA PRO B 113 15.17 -31.04 4.65
C PRO B 113 14.67 -29.85 5.50
N MET B 114 14.02 -30.16 6.62
CA MET B 114 13.46 -29.13 7.55
C MET B 114 14.60 -28.45 8.30
N VAL B 115 14.40 -27.20 8.70
CA VAL B 115 15.29 -26.44 9.62
C VAL B 115 14.94 -26.83 11.05
N LYS B 116 15.86 -26.59 12.01
CA LYS B 116 15.62 -26.80 13.46
C LYS B 116 14.49 -25.88 13.92
N GLY B 117 13.51 -26.43 14.65
CA GLY B 117 12.37 -25.69 15.21
C GLY B 117 11.18 -25.69 14.27
N ILE B 118 10.49 -24.55 14.15
CA ILE B 118 9.16 -24.45 13.47
C ILE B 118 9.35 -24.54 11.96
N ASN B 119 8.55 -25.40 11.32
CA ASN B 119 8.47 -25.57 9.85
C ASN B 119 7.00 -25.54 9.45
N TYR B 120 6.67 -24.81 8.40
CA TYR B 120 5.31 -24.60 7.87
C TYR B 120 5.17 -25.29 6.52
N PHE B 121 4.15 -26.14 6.39
CA PHE B 121 3.62 -26.65 5.10
C PHE B 121 2.14 -26.29 5.05
N TRP B 122 1.56 -26.30 3.85
CA TRP B 122 0.09 -26.10 3.67
C TRP B 122 -0.38 -26.78 2.40
N VAL B 123 -1.65 -27.18 2.41
CA VAL B 123 -2.34 -27.89 1.29
C VAL B 123 -3.24 -26.88 0.59
N SER B 124 -3.03 -26.69 -0.71
CA SER B 124 -3.92 -25.92 -1.62
C SER B 124 -4.89 -26.87 -2.31
N VAL B 125 -6.16 -26.48 -2.38
CA VAL B 125 -7.18 -27.14 -3.24
C VAL B 125 -7.56 -26.15 -4.34
N GLU B 126 -7.54 -26.62 -5.60
CA GLU B 126 -8.05 -25.91 -6.79
C GLU B 126 -9.33 -26.62 -7.24
N MET B 127 -10.42 -25.87 -7.43
CA MET B 127 -11.72 -26.41 -7.90
C MET B 127 -11.87 -26.10 -9.39
N ASP B 128 -12.60 -26.95 -10.12
CA ASP B 128 -13.13 -26.66 -11.48
C ASP B 128 -13.93 -25.36 -11.39
N ARG B 129 -13.84 -24.50 -12.41
CA ARG B 129 -14.47 -23.15 -12.45
C ARG B 129 -16.00 -23.28 -12.41
N ASN B 130 -16.54 -24.43 -12.84
CA ASN B 130 -18.01 -24.71 -12.93
C ASN B 130 -18.49 -25.49 -11.70
N THR B 131 -17.65 -25.60 -10.67
CA THR B 131 -17.99 -26.22 -9.36
C THR B 131 -19.26 -25.57 -8.80
N SER B 132 -20.22 -26.38 -8.34
CA SER B 132 -21.46 -25.91 -7.67
C SER B 132 -21.09 -25.13 -6.40
N LEU B 133 -21.66 -23.93 -6.24
CA LEU B 133 -21.48 -23.05 -5.05
C LEU B 133 -22.02 -23.75 -3.79
N LEU B 134 -22.94 -24.70 -3.96
CA LEU B 134 -23.59 -25.47 -2.86
C LEU B 134 -22.77 -26.73 -2.52
N SER B 135 -21.66 -27.00 -3.23
CA SER B 135 -20.75 -28.14 -2.94
C SER B 135 -20.01 -27.90 -1.62
N LYS B 136 -19.68 -28.98 -0.91
CA LYS B 136 -18.98 -28.96 0.40
C LYS B 136 -17.90 -30.05 0.42
N LEU B 137 -16.71 -29.71 0.95
CA LEU B 137 -15.60 -30.68 1.18
C LEU B 137 -15.46 -30.93 2.69
N THR B 138 -15.45 -32.20 3.08
CA THR B 138 -15.10 -32.69 4.44
C THR B 138 -13.76 -33.42 4.32
N SER B 139 -12.66 -32.71 4.59
CA SER B 139 -11.26 -33.20 4.42
C SER B 139 -10.57 -33.31 5.78
N THR B 140 -9.72 -34.31 5.96
CA THR B 140 -8.91 -34.57 7.18
C THR B 140 -7.50 -35.05 6.78
N VAL B 141 -6.44 -34.51 7.38
CA VAL B 141 -5.08 -35.12 7.34
C VAL B 141 -5.11 -36.33 8.27
N THR B 142 -4.98 -37.54 7.71
CA THR B 142 -5.14 -38.83 8.44
C THR B 142 -3.77 -39.42 8.80
N GLU B 143 -2.71 -39.10 8.05
CA GLU B 143 -1.34 -39.62 8.29
C GLU B 143 -0.32 -38.56 7.86
N VAL B 144 0.71 -38.38 8.70
CA VAL B 144 1.92 -37.56 8.40
C VAL B 144 3.13 -38.45 8.73
N VAL B 145 4.04 -38.63 7.77
CA VAL B 145 5.25 -39.48 7.90
C VAL B 145 6.48 -38.56 7.91
N ILE B 146 7.26 -38.60 8.99
CA ILE B 146 8.55 -37.86 9.14
C ILE B 146 9.65 -38.89 9.47
N ASN B 147 10.73 -38.90 8.67
CA ASN B 147 11.85 -39.88 8.77
C ASN B 147 11.29 -41.30 8.80
N ASP B 148 10.28 -41.57 7.97
CA ASP B 148 9.67 -42.91 7.75
C ASP B 148 9.11 -43.46 9.07
N LYS B 149 8.72 -42.57 9.99
CA LYS B 149 7.92 -42.88 11.20
C LYS B 149 6.65 -42.04 11.17
N PRO B 150 5.44 -42.62 11.30
CA PRO B 150 4.22 -41.83 11.35
C PRO B 150 4.26 -40.93 12.60
N ALA B 151 3.84 -39.67 12.47
CA ALA B 151 3.88 -38.65 13.53
C ALA B 151 2.49 -38.52 14.16
N VAL B 152 2.43 -38.09 15.43
CA VAL B 152 1.18 -37.77 16.17
C VAL B 152 0.59 -36.48 15.58
N ILE B 153 -0.66 -36.55 15.11
CA ILE B 153 -1.41 -35.40 14.52
C ILE B 153 -2.31 -34.82 15.62
N ALA B 154 -2.37 -33.49 15.70
CA ALA B 154 -3.23 -32.73 16.64
C ALA B 154 -3.88 -31.56 15.88
N GLY B 155 -4.94 -30.99 16.45
CA GLY B 155 -5.58 -29.76 15.96
C GLY B 155 -7.01 -29.99 15.53
N GLU B 156 -7.85 -28.96 15.63
CA GLU B 156 -9.24 -28.91 15.11
C GLU B 156 -9.17 -28.81 13.58
N GLN B 157 -9.55 -29.88 12.87
CA GLN B 157 -9.51 -29.94 11.38
C GLN B 157 -10.78 -30.59 10.82
N ALA B 158 -11.89 -30.52 11.57
CA ALA B 158 -13.18 -31.20 11.26
C ALA B 158 -14.15 -30.26 10.54
N ALA B 159 -13.70 -29.05 10.15
CA ALA B 159 -14.51 -28.04 9.45
C ALA B 159 -15.13 -28.64 8.19
N VAL B 160 -16.40 -28.30 7.92
CA VAL B 160 -17.09 -28.58 6.63
C VAL B 160 -16.88 -27.35 5.75
N ARG B 161 -16.03 -27.47 4.73
CA ARG B 161 -15.61 -26.32 3.89
C ARG B 161 -16.69 -26.04 2.84
N ARG B 162 -16.93 -24.76 2.57
CA ARG B 162 -17.93 -24.27 1.60
C ARG B 162 -17.20 -23.60 0.42
N MET B 163 -17.88 -23.57 -0.73
CA MET B 163 -17.41 -22.87 -1.96
C MET B 163 -17.86 -21.41 -1.89
N GLY B 164 -17.17 -20.56 -2.64
CA GLY B 164 -17.59 -19.19 -2.95
C GLY B 164 -17.07 -18.78 -4.30
N ILE B 165 -17.34 -17.54 -4.71
CA ILE B 165 -16.81 -16.99 -5.99
C ILE B 165 -16.37 -15.54 -5.74
N GLY B 166 -15.14 -15.22 -6.14
CA GLY B 166 -14.60 -13.85 -6.11
C GLY B 166 -15.15 -13.05 -7.27
N VAL B 167 -16.26 -12.33 -7.05
CA VAL B 167 -16.95 -11.51 -8.09
C VAL B 167 -16.02 -10.35 -8.45
N ARG B 168 -15.34 -9.75 -7.47
CA ARG B 168 -14.35 -8.66 -7.69
C ARG B 168 -13.09 -8.93 -6.84
N HIS B 169 -11.93 -9.03 -7.50
CA HIS B 169 -10.60 -9.09 -6.86
C HIS B 169 -9.91 -7.74 -7.00
N ALA B 170 -9.12 -7.36 -6.00
CA ALA B 170 -8.20 -6.20 -6.04
C ALA B 170 -7.45 -6.19 -7.38
N GLY B 171 -7.49 -5.08 -8.11
CA GLY B 171 -6.78 -4.91 -9.39
C GLY B 171 -7.67 -5.14 -10.60
N ASP B 172 -8.79 -5.84 -10.45
CA ASP B 172 -9.73 -6.15 -11.57
C ASP B 172 -10.12 -4.85 -12.28
N ASP B 173 -10.07 -4.87 -13.61
CA ASP B 173 -10.47 -3.75 -14.52
C ASP B 173 -9.67 -2.50 -14.14
N GLY B 174 -8.44 -2.69 -13.65
CA GLY B 174 -7.47 -1.62 -13.33
C GLY B 174 -7.79 -0.90 -12.03
N SER B 175 -8.78 -1.35 -11.26
CA SER B 175 -9.24 -0.72 -9.99
C SER B 175 -8.43 -1.29 -8.83
N ALA B 176 -7.84 -0.42 -8.02
CA ALA B 176 -7.02 -0.78 -6.84
C ALA B 176 -7.84 -1.65 -5.89
N SER B 177 -9.10 -1.28 -5.62
CA SER B 177 -9.97 -2.00 -4.65
C SER B 177 -11.45 -1.83 -4.97
N PHE B 178 -12.25 -2.69 -4.36
CA PHE B 178 -13.73 -2.69 -4.38
C PHE B 178 -14.22 -2.78 -2.93
N ARG B 179 -15.16 -1.93 -2.53
CA ARG B 179 -15.70 -1.92 -1.15
C ARG B 179 -17.21 -1.64 -1.16
N ILE B 180 -17.86 -1.93 -0.03
CA ILE B 180 -19.25 -1.53 0.32
C ILE B 180 -20.25 -2.31 -0.54
N PRO B 181 -20.48 -3.60 -0.24
CA PRO B 181 -21.41 -4.42 -1.02
C PRO B 181 -22.89 -4.15 -0.77
N GLY B 182 -23.69 -4.19 -1.83
CA GLY B 182 -25.17 -4.27 -1.80
C GLY B 182 -25.64 -5.40 -2.69
N LEU B 183 -26.69 -6.12 -2.29
CA LEU B 183 -27.21 -7.29 -3.06
C LEU B 183 -28.74 -7.28 -3.02
N VAL B 184 -29.37 -7.44 -4.19
CA VAL B 184 -30.83 -7.69 -4.33
C VAL B 184 -31.03 -8.86 -5.31
N THR B 185 -32.20 -9.49 -5.21
CA THR B 185 -32.73 -10.47 -6.21
C THR B 185 -33.89 -9.78 -6.91
N THR B 186 -33.83 -9.64 -8.24
CA THR B 186 -34.91 -9.06 -9.06
C THR B 186 -36.07 -10.07 -9.14
N ASN B 187 -37.21 -9.65 -9.69
CA ASN B 187 -38.43 -10.49 -9.85
C ASN B 187 -38.14 -11.62 -10.85
N LYS B 188 -37.09 -11.49 -11.68
CA LYS B 188 -36.66 -12.52 -12.66
C LYS B 188 -35.61 -13.45 -12.05
N GLY B 189 -35.38 -13.35 -10.74
CA GLY B 189 -34.42 -14.20 -10.01
C GLY B 189 -32.98 -13.79 -10.29
N THR B 190 -32.76 -12.63 -10.91
CA THR B 190 -31.43 -12.08 -11.25
C THR B 190 -30.79 -11.48 -9.99
N LEU B 191 -29.55 -11.87 -9.69
CA LEU B 191 -28.77 -11.29 -8.57
C LEU B 191 -28.09 -10.01 -9.08
N LEU B 192 -28.22 -8.90 -8.34
CA LEU B 192 -27.54 -7.62 -8.64
C LEU B 192 -26.69 -7.22 -7.43
N GLY B 193 -25.36 -7.21 -7.59
CA GLY B 193 -24.40 -6.77 -6.56
C GLY B 193 -23.78 -5.43 -6.91
N VAL B 194 -23.89 -4.42 -6.03
CA VAL B 194 -23.29 -3.07 -6.21
C VAL B 194 -22.12 -2.91 -5.23
N TYR B 195 -21.21 -1.98 -5.52
CA TYR B 195 -19.98 -1.72 -4.73
C TYR B 195 -19.30 -0.44 -5.23
N ASP B 196 -18.50 0.18 -4.37
CA ASP B 196 -17.51 1.21 -4.76
C ASP B 196 -16.46 0.58 -5.68
N VAL B 197 -16.18 1.23 -6.80
CA VAL B 197 -14.93 1.00 -7.58
C VAL B 197 -13.95 2.08 -7.15
N ARG B 198 -13.02 1.72 -6.26
CA ARG B 198 -12.02 2.66 -5.67
C ARG B 198 -10.71 2.50 -6.46
N TYR B 199 -10.51 3.36 -7.46
CA TYR B 199 -9.51 3.20 -8.55
C TYR B 199 -8.10 3.39 -8.02
N ASN B 200 -7.86 4.41 -7.18
CA ASN B 200 -6.50 4.88 -6.77
C ASN B 200 -5.96 4.07 -5.58
N ASN B 201 -6.83 3.61 -4.69
CA ASN B 201 -6.48 3.07 -3.34
C ASN B 201 -7.78 2.55 -2.71
N SER B 202 -7.85 2.43 -1.38
CA SER B 202 -9.02 1.84 -0.68
C SER B 202 -9.64 2.84 0.30
N VAL B 203 -9.22 4.10 0.27
CA VAL B 203 -9.74 5.14 1.22
C VAL B 203 -11.14 5.56 0.75
N ALA B 204 -12.00 5.96 1.69
CA ALA B 204 -13.39 6.41 1.44
C ALA B 204 -13.39 7.73 0.66
N LEU B 205 -14.56 8.16 0.18
CA LEU B 205 -14.81 9.53 -0.35
C LEU B 205 -14.14 10.52 0.61
N GLN B 206 -13.55 11.62 0.11
CA GLN B 206 -13.47 11.97 -1.31
C GLN B 206 -12.31 11.21 -1.97
N GLU B 207 -12.57 10.61 -3.15
CA GLU B 207 -11.55 10.01 -4.04
C GLU B 207 -12.19 9.70 -5.39
N HIS B 208 -11.40 9.19 -6.35
CA HIS B 208 -11.88 8.68 -7.65
C HIS B 208 -12.62 7.36 -7.40
N ILE B 209 -13.92 7.45 -7.18
CA ILE B 209 -14.82 6.29 -6.86
C ILE B 209 -16.04 6.38 -7.77
N ASP B 210 -16.40 5.26 -8.41
CA ASP B 210 -17.70 5.08 -9.13
C ASP B 210 -18.47 3.96 -8.43
N VAL B 211 -19.77 3.83 -8.72
CA VAL B 211 -20.59 2.66 -8.29
C VAL B 211 -20.59 1.63 -9.41
N GLY B 212 -20.01 0.45 -9.15
CA GLY B 212 -20.01 -0.70 -10.09
C GLY B 212 -21.18 -1.61 -9.81
N LEU B 213 -21.54 -2.47 -10.78
CA LEU B 213 -22.61 -3.49 -10.62
C LEU B 213 -22.20 -4.79 -11.34
N SER B 214 -22.32 -5.92 -10.64
CA SER B 214 -22.16 -7.29 -11.16
C SER B 214 -23.53 -7.97 -11.19
N ARG B 215 -23.85 -8.63 -12.31
CA ARG B 215 -25.19 -9.23 -12.59
C ARG B 215 -25.00 -10.74 -12.86
N SER B 216 -25.86 -11.58 -12.26
CA SER B 216 -25.88 -13.06 -12.43
C SER B 216 -27.31 -13.56 -12.66
N THR B 217 -27.54 -14.30 -13.75
CA THR B 217 -28.86 -14.89 -14.11
C THR B 217 -28.86 -16.40 -13.81
N ASP B 218 -27.83 -16.92 -13.14
CA ASP B 218 -27.67 -18.37 -12.85
C ASP B 218 -27.29 -18.59 -11.37
N LYS B 219 -27.83 -17.75 -10.48
CA LYS B 219 -27.75 -17.90 -9.00
C LYS B 219 -26.29 -17.83 -8.54
N GLY B 220 -25.45 -17.07 -9.26
CA GLY B 220 -24.11 -16.64 -8.83
C GLY B 220 -22.99 -17.53 -9.35
N GLN B 221 -23.29 -18.56 -10.14
CA GLN B 221 -22.25 -19.41 -10.80
C GLN B 221 -21.42 -18.55 -11.76
N THR B 222 -22.08 -17.64 -12.47
CA THR B 222 -21.50 -16.73 -13.48
C THR B 222 -21.92 -15.29 -13.16
N TRP B 223 -21.00 -14.34 -13.34
CA TRP B 223 -21.25 -12.88 -13.18
C TRP B 223 -20.85 -12.16 -14.45
N GLU B 224 -21.79 -11.42 -15.03
CA GLU B 224 -21.59 -10.64 -16.28
C GLU B 224 -20.55 -9.57 -15.98
N PRO B 225 -19.77 -9.10 -16.99
CA PRO B 225 -18.72 -8.11 -16.75
C PRO B 225 -19.27 -6.88 -16.02
N MET B 226 -18.42 -6.24 -15.22
CA MET B 226 -18.76 -5.08 -14.36
C MET B 226 -19.40 -3.97 -15.23
N ARG B 227 -20.57 -3.50 -14.84
CA ARG B 227 -21.22 -2.27 -15.36
C ARG B 227 -20.96 -1.13 -14.38
N ILE B 228 -20.77 0.09 -14.87
CA ILE B 228 -20.73 1.32 -14.03
C ILE B 228 -22.16 1.86 -13.92
N ALA B 229 -22.82 1.58 -12.79
CA ALA B 229 -24.20 2.00 -12.45
C ALA B 229 -24.24 3.53 -12.27
N MET B 230 -23.17 4.13 -11.78
CA MET B 230 -23.15 5.59 -11.45
C MET B 230 -21.73 6.14 -11.43
N SER B 231 -21.55 7.35 -12.00
CA SER B 231 -20.24 8.01 -12.23
C SER B 231 -20.43 9.52 -12.43
N PHE B 232 -19.44 10.33 -12.09
CA PHE B 232 -19.48 11.81 -12.27
C PHE B 232 -18.22 12.33 -12.97
N GLY B 233 -17.31 11.45 -13.40
CA GLY B 233 -16.11 11.81 -14.19
C GLY B 233 -15.59 13.18 -13.81
N GLU B 234 -15.49 14.10 -14.78
CA GLU B 234 -14.90 15.46 -14.57
C GLU B 234 -16.00 16.52 -14.59
N THR B 235 -17.09 16.29 -13.86
CA THR B 235 -18.23 17.24 -13.72
C THR B 235 -17.68 18.62 -13.32
N ASP B 236 -18.07 19.68 -14.05
CA ASP B 236 -17.77 21.11 -13.80
C ASP B 236 -16.26 21.39 -13.95
N GLY B 237 -15.52 20.50 -14.63
CA GLY B 237 -14.08 20.64 -14.90
C GLY B 237 -13.24 20.42 -13.66
N LEU B 238 -13.80 19.80 -12.62
CA LEU B 238 -13.07 19.37 -11.40
C LEU B 238 -12.57 17.95 -11.63
N PRO B 239 -11.36 17.58 -11.13
CA PRO B 239 -10.82 16.25 -11.37
C PRO B 239 -11.79 15.14 -10.91
N SER B 240 -11.71 13.96 -11.52
CA SER B 240 -12.50 12.74 -11.17
C SER B 240 -12.21 12.34 -9.72
N GLY B 241 -11.01 12.64 -9.22
CA GLY B 241 -10.59 12.43 -7.82
C GLY B 241 -11.35 13.32 -6.85
N GLN B 242 -11.94 14.41 -7.34
CA GLN B 242 -12.83 15.31 -6.54
C GLN B 242 -14.26 15.25 -7.09
N ASN B 243 -14.67 14.07 -7.58
CA ASN B 243 -16.05 13.82 -8.12
C ASN B 243 -16.50 12.39 -7.79
N GLY B 244 -15.98 11.82 -6.70
CA GLY B 244 -16.30 10.45 -6.27
C GLY B 244 -17.77 10.29 -5.92
N VAL B 245 -18.32 9.10 -6.14
CA VAL B 245 -19.68 8.69 -5.70
C VAL B 245 -19.60 7.25 -5.20
N GLY B 246 -20.14 6.97 -4.02
CA GLY B 246 -19.98 5.65 -3.36
C GLY B 246 -20.89 5.44 -2.16
N ASP B 247 -20.58 4.40 -1.38
CA ASP B 247 -21.39 3.83 -0.27
C ASP B 247 -22.77 3.47 -0.78
N PRO B 248 -22.87 2.71 -1.90
CA PRO B 248 -24.14 2.48 -2.56
C PRO B 248 -25.12 1.60 -1.76
N SER B 249 -26.41 1.86 -1.94
CA SER B 249 -27.55 1.04 -1.47
C SER B 249 -28.45 0.77 -2.68
N ILE B 250 -28.90 -0.49 -2.83
CA ILE B 250 -29.72 -0.98 -3.97
C ILE B 250 -31.01 -1.60 -3.42
N LEU B 251 -32.15 -1.33 -4.06
CA LEU B 251 -33.43 -2.03 -3.77
C LEU B 251 -34.15 -2.34 -5.08
N VAL B 252 -34.94 -3.41 -5.08
CA VAL B 252 -35.85 -3.80 -6.20
C VAL B 252 -37.24 -3.36 -5.79
N ASP B 253 -37.87 -2.49 -6.61
CA ASP B 253 -39.32 -2.18 -6.51
C ASP B 253 -40.08 -3.43 -6.93
N GLU B 254 -40.56 -4.22 -5.95
CA GLU B 254 -41.13 -5.57 -6.17
C GLU B 254 -42.42 -5.46 -6.99
N ARG B 255 -43.07 -4.30 -7.02
CA ARG B 255 -44.31 -4.06 -7.81
C ARG B 255 -43.98 -4.00 -9.31
N THR B 256 -42.87 -3.35 -9.69
CA THR B 256 -42.56 -2.98 -11.10
C THR B 256 -41.29 -3.69 -11.60
N ASN B 257 -40.49 -4.28 -10.69
CA ASN B 257 -39.14 -4.82 -10.96
C ASN B 257 -38.18 -3.70 -11.37
N THR B 258 -38.56 -2.44 -11.19
CA THR B 258 -37.64 -1.27 -11.33
C THR B 258 -36.59 -1.38 -10.23
N VAL B 259 -35.31 -1.35 -10.59
CA VAL B 259 -34.17 -1.44 -9.63
C VAL B 259 -33.65 -0.01 -9.39
N TRP B 260 -33.47 0.36 -8.12
CA TRP B 260 -33.01 1.70 -7.67
C TRP B 260 -31.66 1.59 -6.96
N VAL B 261 -30.74 2.52 -7.24
CA VAL B 261 -29.41 2.64 -6.58
C VAL B 261 -29.22 4.08 -6.11
N VAL B 262 -29.06 4.27 -4.80
CA VAL B 262 -28.78 5.59 -4.15
C VAL B 262 -27.32 5.59 -3.66
N ALA B 263 -26.63 6.72 -3.78
CA ALA B 263 -25.19 6.88 -3.46
C ALA B 263 -24.89 8.35 -3.15
N ALA B 264 -23.76 8.58 -2.50
CA ALA B 264 -23.30 9.91 -2.07
C ALA B 264 -22.25 10.41 -3.06
N TRP B 265 -22.55 11.52 -3.74
CA TRP B 265 -21.62 12.21 -4.67
C TRP B 265 -20.95 13.36 -3.91
N THR B 266 -19.62 13.31 -3.79
CA THR B 266 -18.80 14.37 -3.16
C THR B 266 -18.07 15.12 -4.28
N HIS B 267 -18.24 16.45 -4.28
CA HIS B 267 -17.76 17.37 -5.34
C HIS B 267 -16.83 18.40 -4.66
N GLY B 268 -15.54 18.39 -5.02
CA GLY B 268 -14.50 19.19 -4.34
C GLY B 268 -13.85 18.42 -3.21
N MET B 269 -13.66 19.05 -2.04
CA MET B 269 -13.22 18.44 -0.74
C MET B 269 -11.75 18.00 -0.78
N GLY B 270 -10.94 18.56 -1.68
CA GLY B 270 -9.53 18.17 -1.85
C GLY B 270 -9.39 16.65 -1.94
N ASN B 271 -8.49 16.08 -1.15
CA ASN B 271 -8.27 14.60 -1.07
C ASN B 271 -8.43 14.17 0.39
N ALA B 272 -9.49 14.64 1.06
CA ALA B 272 -9.80 14.38 2.48
C ALA B 272 -11.10 13.58 2.58
N ARG B 273 -11.38 13.05 3.77
CA ARG B 273 -12.51 12.13 4.03
C ARG B 273 -13.78 12.97 4.16
N ALA B 274 -14.83 12.60 3.43
CA ALA B 274 -16.16 13.26 3.44
C ALA B 274 -16.75 13.28 4.85
N TRP B 275 -16.51 12.23 5.63
CA TRP B 275 -17.10 12.04 6.99
C TRP B 275 -16.84 13.25 7.90
N THR B 276 -15.64 13.85 7.82
CA THR B 276 -15.23 15.01 8.65
C THR B 276 -15.21 16.30 7.84
N ASN B 277 -15.39 16.24 6.51
CA ASN B 277 -15.16 17.40 5.62
C ASN B 277 -16.42 17.86 4.89
N SER B 278 -17.46 17.03 4.77
CA SER B 278 -18.78 17.46 4.24
C SER B 278 -19.36 18.49 5.22
N MET B 279 -19.86 19.62 4.72
CA MET B 279 -20.27 20.79 5.55
C MET B 279 -21.73 21.14 5.25
N PRO B 280 -22.41 21.89 6.15
CA PRO B 280 -23.78 22.34 5.91
C PRO B 280 -23.99 23.07 4.57
N GLY B 281 -25.25 23.19 4.14
CA GLY B 281 -25.64 23.79 2.84
C GLY B 281 -26.45 22.80 2.01
N MET B 282 -26.56 23.03 0.70
CA MET B 282 -27.39 22.21 -0.22
C MET B 282 -26.69 21.93 -1.56
N THR B 283 -25.88 22.87 -2.07
CA THR B 283 -25.27 22.79 -3.42
C THR B 283 -24.17 21.71 -3.43
N PRO B 284 -23.85 21.14 -4.61
CA PRO B 284 -22.72 20.23 -4.74
C PRO B 284 -21.39 20.80 -4.22
N ASP B 285 -21.20 22.12 -4.32
CA ASP B 285 -19.98 22.83 -3.85
C ASP B 285 -19.93 22.85 -2.32
N GLU B 286 -21.09 22.77 -1.66
CA GLU B 286 -21.26 23.00 -0.20
C GLU B 286 -21.20 21.67 0.56
N THR B 287 -21.92 20.65 0.08
CA THR B 287 -22.23 19.41 0.84
C THR B 287 -22.34 18.20 -0.11
N ALA B 288 -22.13 17.00 0.40
CA ALA B 288 -22.35 15.72 -0.31
C ALA B 288 -23.81 15.70 -0.81
N GLN B 289 -24.01 15.18 -2.03
CA GLN B 289 -25.31 15.14 -2.73
C GLN B 289 -25.85 13.70 -2.68
N LEU B 290 -27.14 13.55 -2.38
CA LEU B 290 -27.85 12.25 -2.45
C LEU B 290 -28.35 12.06 -3.88
N MET B 291 -27.82 11.06 -4.58
CA MET B 291 -28.04 10.86 -6.04
C MET B 291 -28.61 9.46 -6.28
N MET B 292 -29.45 9.29 -7.30
CA MET B 292 -30.12 8.01 -7.61
C MET B 292 -30.13 7.73 -9.12
N VAL B 293 -29.98 6.46 -9.48
CA VAL B 293 -30.18 5.91 -10.85
C VAL B 293 -31.20 4.77 -10.76
N LYS B 294 -31.78 4.36 -11.89
CA LYS B 294 -32.75 3.23 -11.96
C LYS B 294 -32.47 2.37 -13.20
N SER B 295 -32.93 1.12 -13.17
CA SER B 295 -32.90 0.14 -14.29
C SER B 295 -34.30 -0.46 -14.45
N THR B 296 -34.85 -0.39 -15.66
CA THR B 296 -36.18 -0.95 -16.01
C THR B 296 -35.99 -2.21 -16.84
N ASP B 297 -34.74 -2.62 -17.07
CA ASP B 297 -34.37 -3.84 -17.85
C ASP B 297 -33.57 -4.79 -16.95
N ASP B 298 -34.00 -4.96 -15.70
CA ASP B 298 -33.51 -6.04 -14.78
C ASP B 298 -32.01 -5.85 -14.52
N GLY B 299 -31.54 -4.59 -14.52
CA GLY B 299 -30.19 -4.22 -14.09
C GLY B 299 -29.17 -4.29 -15.22
N ARG B 300 -29.63 -4.30 -16.48
CA ARG B 300 -28.74 -4.41 -17.68
C ARG B 300 -28.17 -3.02 -18.02
N THR B 301 -29.00 -1.97 -17.92
CA THR B 301 -28.62 -0.57 -18.24
C THR B 301 -29.23 0.36 -17.20
N TRP B 302 -28.68 1.57 -17.06
CA TRP B 302 -28.92 2.47 -15.90
C TRP B 302 -29.22 3.89 -16.37
N SER B 303 -30.29 4.49 -15.82
CA SER B 303 -30.70 5.88 -16.05
C SER B 303 -29.53 6.82 -15.72
N GLU B 304 -29.56 8.05 -16.24
CA GLU B 304 -28.73 9.17 -15.76
C GLU B 304 -29.11 9.43 -14.30
N SER B 305 -28.20 10.01 -13.53
CA SER B 305 -28.38 10.27 -12.09
C SER B 305 -29.38 11.42 -11.90
N THR B 306 -30.28 11.26 -10.92
CA THR B 306 -31.21 12.31 -10.45
C THR B 306 -30.73 12.74 -9.05
N ASN B 307 -30.76 14.06 -8.78
CA ASN B 307 -30.29 14.68 -7.50
C ASN B 307 -31.50 14.86 -6.58
N ILE B 308 -31.57 14.14 -5.47
CA ILE B 308 -32.78 14.18 -4.58
C ILE B 308 -32.45 14.89 -3.27
N THR B 309 -31.28 15.54 -3.19
CA THR B 309 -30.77 16.28 -1.99
C THR B 309 -31.86 17.24 -1.48
N SER B 310 -32.37 18.13 -2.34
CA SER B 310 -33.35 19.19 -2.00
C SER B 310 -34.62 18.62 -1.36
N GLN B 311 -35.02 17.39 -1.72
CA GLN B 311 -36.28 16.75 -1.23
C GLN B 311 -36.18 16.37 0.25
N VAL B 312 -35.00 16.01 0.76
CA VAL B 312 -34.86 15.25 2.05
C VAL B 312 -33.79 15.85 2.99
N LYS B 313 -32.78 16.55 2.48
CA LYS B 313 -31.67 17.07 3.34
C LYS B 313 -32.07 18.39 3.99
N ASP B 314 -32.06 18.42 5.33
CA ASP B 314 -32.04 19.65 6.17
C ASP B 314 -30.74 20.39 5.85
N PRO B 315 -30.81 21.70 5.51
CA PRO B 315 -29.61 22.50 5.23
C PRO B 315 -28.53 22.52 6.33
N SER B 316 -28.94 22.39 7.60
CA SER B 316 -28.04 22.45 8.79
C SER B 316 -27.20 21.17 8.93
N TRP B 317 -27.60 20.07 8.30
CA TRP B 317 -26.84 18.79 8.36
C TRP B 317 -25.51 18.95 7.62
N CYS B 318 -24.43 18.45 8.21
CA CYS B 318 -23.08 18.44 7.60
C CYS B 318 -23.06 17.45 6.44
N PHE B 319 -23.85 16.38 6.54
CA PHE B 319 -23.76 15.17 5.69
C PHE B 319 -25.05 14.36 5.80
N LEU B 320 -25.75 14.16 4.68
CA LEU B 320 -26.83 13.15 4.54
C LEU B 320 -26.39 12.13 3.49
N LEU B 321 -26.55 10.84 3.79
CA LEU B 321 -26.30 9.76 2.80
C LEU B 321 -27.12 8.51 3.16
N GLN B 322 -27.29 7.64 2.17
CA GLN B 322 -27.85 6.26 2.33
C GLN B 322 -27.01 5.47 3.34
N GLY B 323 -27.65 4.55 4.05
CA GLY B 323 -26.98 3.43 4.73
C GLY B 323 -26.57 2.38 3.71
N PRO B 324 -25.26 2.05 3.60
CA PRO B 324 -24.81 1.16 2.53
C PRO B 324 -25.46 -0.23 2.66
N GLY B 325 -25.62 -0.89 1.51
CA GLY B 325 -26.19 -2.25 1.40
C GLY B 325 -27.42 -2.25 0.52
N ARG B 326 -28.59 -2.41 1.10
CA ARG B 326 -29.85 -2.54 0.33
C ARG B 326 -30.98 -1.78 1.04
N GLY B 327 -32.03 -1.47 0.27
CA GLY B 327 -33.35 -1.05 0.76
C GLY B 327 -34.35 -2.17 0.54
N ILE B 328 -35.64 -1.89 0.73
CA ILE B 328 -36.73 -2.91 0.66
C ILE B 328 -37.94 -2.30 -0.08
N THR B 329 -38.81 -3.18 -0.56
CA THR B 329 -40.25 -2.92 -0.82
C THR B 329 -41.03 -3.49 0.36
N MET B 330 -41.98 -2.71 0.92
CA MET B 330 -42.92 -3.18 1.97
C MET B 330 -44.07 -3.94 1.30
N ARG B 331 -44.91 -4.61 2.09
CA ARG B 331 -46.12 -5.34 1.62
C ARG B 331 -47.09 -4.37 0.91
N ASP B 332 -47.13 -3.11 1.35
CA ASP B 332 -48.06 -2.06 0.82
C ASP B 332 -47.38 -1.25 -0.29
N GLY B 333 -46.20 -1.67 -0.77
CA GLY B 333 -45.55 -1.11 -1.97
C GLY B 333 -44.66 0.08 -1.68
N THR B 334 -44.57 0.53 -0.42
CA THR B 334 -43.63 1.61 0.00
C THR B 334 -42.19 1.14 -0.25
N LEU B 335 -41.39 1.97 -0.94
CA LEU B 335 -39.93 1.77 -1.12
C LEU B 335 -39.20 2.44 0.05
N VAL B 336 -38.27 1.73 0.71
CA VAL B 336 -37.56 2.23 1.93
C VAL B 336 -36.06 1.98 1.78
N PHE B 337 -35.27 3.06 1.86
CA PHE B 337 -33.79 3.09 1.95
C PHE B 337 -33.39 3.57 3.34
N PRO B 338 -32.60 2.79 4.12
CA PRO B 338 -32.00 3.32 5.34
C PRO B 338 -31.09 4.51 4.99
N ILE B 339 -31.05 5.50 5.88
CA ILE B 339 -30.24 6.74 5.72
C ILE B 339 -29.52 7.05 7.03
N GLN B 340 -28.58 7.98 6.98
CA GLN B 340 -27.80 8.49 8.12
C GLN B 340 -27.47 9.96 7.85
N PHE B 341 -27.52 10.81 8.86
CA PHE B 341 -27.13 12.23 8.72
C PHE B 341 -26.28 12.65 9.91
N ILE B 342 -25.31 13.53 9.64
CA ILE B 342 -24.48 14.23 10.65
C ILE B 342 -25.11 15.60 10.85
N ASP B 343 -25.58 15.88 12.08
CA ASP B 343 -26.31 17.13 12.43
C ASP B 343 -25.28 18.27 12.57
N SER B 344 -25.77 19.48 12.88
CA SER B 344 -24.97 20.73 12.93
C SER B 344 -23.85 20.64 13.96
N LEU B 345 -23.94 19.72 14.92
CA LEU B 345 -22.95 19.55 16.03
C LEU B 345 -22.07 18.30 15.79
N ARG B 346 -22.08 17.75 14.57
CA ARG B 346 -21.24 16.60 14.13
C ARG B 346 -21.67 15.30 14.84
N VAL B 347 -22.94 15.19 15.24
CA VAL B 347 -23.48 13.95 15.88
C VAL B 347 -24.20 13.15 14.79
N PRO B 348 -23.78 11.90 14.51
CA PRO B 348 -24.44 11.08 13.51
C PRO B 348 -25.71 10.39 14.04
N HIS B 349 -26.72 10.28 13.18
CA HIS B 349 -28.03 9.63 13.49
C HIS B 349 -28.43 8.73 12.31
N ALA B 350 -28.89 7.52 12.61
CA ALA B 350 -29.48 6.58 11.64
C ALA B 350 -30.99 6.85 11.55
N GLY B 351 -31.57 6.68 10.36
CA GLY B 351 -33.02 6.77 10.12
C GLY B 351 -33.42 6.05 8.85
N ILE B 352 -34.61 6.37 8.31
CA ILE B 352 -35.11 5.79 7.03
C ILE B 352 -35.65 6.91 6.13
N MET B 353 -35.56 6.67 4.83
CA MET B 353 -36.12 7.48 3.73
C MET B 353 -37.02 6.55 2.91
N TYR B 354 -38.20 7.02 2.52
CA TYR B 354 -39.24 6.19 1.84
C TYR B 354 -39.90 6.95 0.70
N SER B 355 -40.41 6.19 -0.27
CA SER B 355 -41.27 6.66 -1.38
C SER B 355 -42.59 5.88 -1.36
N LYS B 356 -43.70 6.59 -1.58
CA LYS B 356 -45.08 6.03 -1.69
C LYS B 356 -45.48 5.93 -3.16
N ASP B 357 -44.67 6.49 -4.08
CA ASP B 357 -45.05 6.80 -5.48
C ASP B 357 -44.05 6.18 -6.46
N ARG B 358 -43.58 4.96 -6.17
CA ARG B 358 -42.67 4.15 -7.04
C ARG B 358 -41.29 4.82 -7.17
N GLY B 359 -40.92 5.73 -6.27
CA GLY B 359 -39.59 6.39 -6.24
C GLY B 359 -39.59 7.77 -6.88
N GLU B 360 -40.78 8.34 -7.11
CA GLU B 360 -40.94 9.70 -7.72
C GLU B 360 -40.50 10.77 -6.71
N THR B 361 -40.91 10.64 -5.44
CA THR B 361 -40.54 11.58 -4.36
C THR B 361 -40.14 10.79 -3.10
N TRP B 362 -39.24 11.35 -2.30
CA TRP B 362 -38.67 10.71 -1.07
C TRP B 362 -38.87 11.64 0.12
N HIS B 363 -39.04 11.05 1.31
CA HIS B 363 -39.32 11.75 2.58
C HIS B 363 -38.51 11.13 3.72
N ILE B 364 -37.92 11.96 4.58
CA ILE B 364 -37.26 11.56 5.86
C ILE B 364 -37.96 12.31 6.99
N HIS B 365 -38.30 11.61 8.07
CA HIS B 365 -38.95 12.17 9.28
C HIS B 365 -37.90 12.29 10.39
N GLN B 366 -37.97 11.47 11.45
CA GLN B 366 -37.18 11.65 12.69
C GLN B 366 -36.06 10.62 12.77
N PRO B 367 -34.90 10.95 13.36
CA PRO B 367 -33.82 9.97 13.54
C PRO B 367 -34.26 8.92 14.56
N ALA B 368 -33.74 7.70 14.46
CA ALA B 368 -34.11 6.55 15.32
C ALA B 368 -33.34 6.62 16.65
N ARG B 369 -32.06 7.03 16.61
CA ARG B 369 -31.14 6.93 17.77
C ARG B 369 -29.89 7.79 17.57
N THR B 370 -29.42 8.41 18.66
CA THR B 370 -28.19 9.23 18.74
C THR B 370 -26.93 8.38 18.52
N ASN B 371 -25.94 8.95 17.82
CA ASN B 371 -24.58 8.38 17.67
C ASN B 371 -24.68 6.99 17.03
N THR B 372 -25.51 6.87 16.00
CA THR B 372 -25.60 5.70 15.10
C THR B 372 -25.28 6.16 13.69
N THR B 373 -24.84 5.25 12.82
CA THR B 373 -24.43 5.56 11.43
C THR B 373 -25.15 4.59 10.48
N GLU B 374 -24.43 3.56 10.01
CA GLU B 374 -24.91 2.60 9.00
C GLU B 374 -26.02 1.75 9.61
N ALA B 375 -27.10 1.55 8.85
CA ALA B 375 -28.28 0.79 9.29
C ALA B 375 -28.89 0.06 8.08
N GLN B 376 -29.55 -1.07 8.34
CA GLN B 376 -30.37 -1.80 7.36
C GLN B 376 -31.75 -2.02 7.98
N VAL B 377 -32.80 -2.04 7.15
CA VAL B 377 -34.22 -2.08 7.59
C VAL B 377 -34.92 -3.29 6.97
N ALA B 378 -35.75 -3.96 7.76
CA ALA B 378 -36.59 -5.11 7.35
C ALA B 378 -38.02 -4.89 7.86
N GLU B 379 -39.02 -5.32 7.08
CA GLU B 379 -40.45 -5.34 7.49
C GLU B 379 -40.67 -6.66 8.25
N VAL B 380 -40.59 -6.61 9.59
CA VAL B 380 -40.58 -7.81 10.49
C VAL B 380 -42.00 -8.33 10.67
N GLU B 381 -43.00 -7.43 10.64
CA GLU B 381 -44.45 -7.75 10.57
C GLU B 381 -45.16 -6.64 9.79
N PRO B 382 -46.38 -6.88 9.27
CA PRO B 382 -47.05 -5.89 8.41
C PRO B 382 -47.05 -4.47 8.97
N GLY B 383 -46.47 -3.52 8.24
CA GLY B 383 -46.42 -2.09 8.58
C GLY B 383 -45.42 -1.77 9.68
N VAL B 384 -44.57 -2.72 10.06
CA VAL B 384 -43.63 -2.62 11.21
C VAL B 384 -42.19 -2.75 10.70
N LEU B 385 -41.46 -1.64 10.67
CA LEU B 385 -40.05 -1.56 10.21
C LEU B 385 -39.12 -1.72 11.42
N MET B 386 -38.15 -2.65 11.30
CA MET B 386 -37.04 -2.85 12.25
C MET B 386 -35.77 -2.23 11.66
N LEU B 387 -35.23 -1.19 12.31
CA LEU B 387 -33.92 -0.58 11.93
C LEU B 387 -32.82 -1.16 12.82
N ASN B 388 -31.78 -1.71 12.20
CA ASN B 388 -30.64 -2.41 12.86
C ASN B 388 -29.40 -1.58 12.57
N MET B 389 -28.80 -0.98 13.61
CA MET B 389 -27.89 0.20 13.48
C MET B 389 -26.50 -0.12 14.02
N ARG B 390 -25.48 0.30 13.28
CA ARG B 390 -24.08 0.50 13.76
C ARG B 390 -24.08 1.57 14.86
N ASP B 391 -23.55 1.25 16.04
CA ASP B 391 -23.60 2.09 17.26
C ASP B 391 -22.17 2.45 17.67
N ASN B 392 -21.84 3.74 17.75
CA ASN B 392 -20.47 4.25 18.03
C ASN B 392 -20.09 3.99 19.51
N ARG B 393 -21.03 3.50 20.32
CA ARG B 393 -20.76 3.13 21.74
C ARG B 393 -19.96 1.81 21.78
N GLY B 394 -20.09 0.98 20.75
CA GLY B 394 -19.36 -0.29 20.58
C GLY B 394 -20.07 -1.46 21.23
N GLY B 395 -19.71 -2.68 20.82
CA GLY B 395 -20.09 -3.93 21.50
C GLY B 395 -21.28 -4.63 20.88
N SER B 396 -22.29 -3.91 20.40
CA SER B 396 -23.60 -4.50 20.02
C SER B 396 -24.41 -3.58 19.12
N ARG B 397 -25.26 -4.17 18.28
CA ARG B 397 -26.15 -3.45 17.34
C ARG B 397 -27.27 -2.76 18.13
N ALA B 398 -27.59 -1.52 17.75
CA ALA B 398 -28.83 -0.82 18.16
C ALA B 398 -30.00 -1.33 17.30
N VAL B 399 -31.16 -1.58 17.91
CA VAL B 399 -32.38 -2.08 17.21
C VAL B 399 -33.58 -1.26 17.69
N SER B 400 -34.26 -0.60 16.75
CA SER B 400 -35.47 0.22 16.99
C SER B 400 -36.58 -0.20 16.03
N ILE B 401 -37.82 0.19 16.36
CA ILE B 401 -39.07 -0.14 15.62
C ILE B 401 -39.79 1.18 15.30
N THR B 402 -40.32 1.31 14.09
CA THR B 402 -41.29 2.37 13.69
C THR B 402 -42.49 1.69 13.02
N ARG B 403 -43.70 2.22 13.27
CA ARG B 403 -44.96 1.80 12.61
C ARG B 403 -45.49 2.96 11.75
N ASP B 404 -44.74 4.05 11.65
CA ASP B 404 -45.19 5.31 11.00
C ASP B 404 -44.03 5.89 10.17
N LEU B 405 -43.22 5.02 9.56
CA LEU B 405 -42.13 5.38 8.62
C LEU B 405 -41.16 6.38 9.26
N GLY B 406 -40.95 6.27 10.58
CA GLY B 406 -39.90 6.99 11.31
C GLY B 406 -40.32 8.37 11.78
N LYS B 407 -41.63 8.64 11.88
CA LYS B 407 -42.17 9.82 12.60
C LYS B 407 -41.92 9.60 14.10
N SER B 408 -42.06 8.36 14.57
CA SER B 408 -41.81 7.93 15.97
C SER B 408 -41.04 6.61 15.97
N TRP B 409 -40.32 6.32 17.06
CA TRP B 409 -39.41 5.16 17.21
C TRP B 409 -39.55 4.55 18.60
N THR B 410 -39.52 3.21 18.67
CA THR B 410 -39.54 2.41 19.92
C THR B 410 -38.30 1.52 19.94
N GLU B 411 -37.61 1.46 21.09
CA GLU B 411 -36.51 0.51 21.36
C GLU B 411 -37.05 -0.92 21.25
N HIS B 412 -36.36 -1.80 20.53
CA HIS B 412 -36.67 -3.25 20.48
C HIS B 412 -36.00 -3.94 21.66
N SER B 413 -36.56 -5.06 22.13
CA SER B 413 -36.03 -5.88 23.25
C SER B 413 -34.59 -6.31 22.99
N SER B 414 -34.21 -6.49 21.72
CA SER B 414 -32.89 -7.00 21.28
C SER B 414 -31.85 -5.87 21.22
N ASN B 415 -32.28 -4.61 21.37
CA ASN B 415 -31.43 -3.40 21.40
C ASN B 415 -30.22 -3.63 22.30
N ARG B 416 -29.02 -3.39 21.77
CA ARG B 416 -27.75 -3.28 22.55
C ARG B 416 -27.59 -4.50 23.47
N SER B 417 -27.86 -5.72 22.96
CA SER B 417 -27.86 -6.97 23.75
C SER B 417 -27.62 -8.18 22.84
N ALA B 418 -28.54 -8.42 21.90
CA ALA B 418 -28.67 -9.72 21.19
C ALA B 418 -27.59 -9.92 20.11
N LEU B 419 -27.11 -8.85 19.47
CA LEU B 419 -26.22 -8.95 18.28
C LEU B 419 -24.91 -8.21 18.51
N PRO B 420 -23.83 -8.94 18.87
CA PRO B 420 -22.49 -8.35 18.99
C PRO B 420 -21.98 -7.72 17.70
N GLU B 421 -21.25 -6.60 17.80
CA GLU B 421 -20.52 -5.99 16.65
C GLU B 421 -19.28 -5.25 17.15
N SER B 422 -18.39 -4.88 16.23
CA SER B 422 -17.12 -4.14 16.46
C SER B 422 -17.23 -2.71 15.90
N ILE B 423 -18.47 -2.25 15.66
CA ILE B 423 -18.79 -0.96 14.96
C ILE B 423 -18.45 -1.15 13.47
N CYS B 424 -19.38 -1.76 12.74
CA CYS B 424 -19.21 -2.23 11.35
C CYS B 424 -20.60 -2.35 10.71
N MET B 425 -20.68 -2.17 9.39
CA MET B 425 -21.92 -2.39 8.60
C MET B 425 -22.41 -3.80 8.89
N ALA B 426 -23.73 -3.98 8.99
CA ALA B 426 -24.38 -5.32 9.10
C ALA B 426 -25.57 -5.37 8.15
N SER B 427 -25.88 -6.57 7.65
CA SER B 427 -27.07 -6.82 6.79
C SER B 427 -28.17 -7.47 7.63
N LEU B 428 -29.40 -7.02 7.43
CA LEU B 428 -30.64 -7.64 7.96
C LEU B 428 -31.66 -7.71 6.83
N ILE B 429 -32.32 -8.86 6.65
CA ILE B 429 -33.46 -9.01 5.69
C ILE B 429 -34.56 -9.83 6.38
N SER B 430 -35.80 -9.64 5.91
CA SER B 430 -36.99 -10.44 6.29
C SER B 430 -37.30 -11.41 5.15
N VAL B 431 -37.76 -12.61 5.48
CA VAL B 431 -38.23 -13.61 4.49
C VAL B 431 -39.62 -14.07 4.94
N LYS B 432 -40.63 -13.90 4.08
CA LYS B 432 -42.02 -14.29 4.36
C LYS B 432 -42.11 -15.83 4.42
N ALA B 433 -43.02 -16.35 5.22
CA ALA B 433 -43.24 -17.81 5.44
C ALA B 433 -43.52 -18.48 4.09
N LYS B 434 -44.33 -17.85 3.24
CA LYS B 434 -44.77 -18.39 1.92
C LYS B 434 -43.65 -18.30 0.89
N ASP B 435 -42.53 -17.64 1.19
CA ASP B 435 -41.45 -17.33 0.23
C ASP B 435 -40.23 -18.23 0.47
N ASN B 436 -40.27 -19.13 1.46
CA ASN B 436 -39.10 -19.99 1.81
C ASN B 436 -39.55 -21.39 2.23
N ILE B 437 -38.64 -22.36 2.11
CA ILE B 437 -38.86 -23.82 2.29
C ILE B 437 -39.26 -24.15 3.75
N ILE B 438 -38.82 -23.36 4.73
CA ILE B 438 -39.11 -23.59 6.19
C ILE B 438 -40.61 -23.37 6.44
N GLY B 439 -41.25 -22.48 5.67
CA GLY B 439 -42.68 -22.16 5.81
C GLY B 439 -42.96 -21.31 7.03
N LYS B 440 -41.95 -20.56 7.52
CA LYS B 440 -42.04 -19.67 8.70
C LYS B 440 -41.38 -18.32 8.35
N ASP B 441 -41.92 -17.22 8.86
CA ASP B 441 -41.28 -15.88 8.77
C ASP B 441 -39.87 -15.99 9.35
N LEU B 442 -38.87 -15.46 8.65
CA LEU B 442 -37.45 -15.42 9.09
C LEU B 442 -36.98 -13.97 9.11
N LEU B 443 -36.12 -13.64 10.08
CA LEU B 443 -35.09 -12.58 9.93
C LEU B 443 -33.74 -13.26 9.72
N LEU B 444 -32.96 -12.80 8.74
CA LEU B 444 -31.56 -13.22 8.50
C LEU B 444 -30.67 -12.00 8.66
N PHE B 445 -29.55 -12.17 9.38
CA PHE B 445 -28.60 -11.10 9.74
C PHE B 445 -27.19 -11.60 9.41
N SER B 446 -26.32 -10.72 8.93
CA SER B 446 -24.88 -11.04 8.72
C SER B 446 -24.02 -9.84 9.13
N ASN B 447 -22.90 -10.14 9.78
CA ASN B 447 -21.88 -9.14 10.19
C ASN B 447 -20.64 -9.91 10.65
N PRO B 448 -19.53 -9.22 10.97
CA PRO B 448 -18.44 -9.84 11.70
C PRO B 448 -18.89 -10.11 13.14
N ASN B 449 -18.98 -11.39 13.51
CA ASN B 449 -19.54 -11.86 14.80
C ASN B 449 -18.45 -11.77 15.87
N THR B 450 -18.09 -10.54 16.26
CA THR B 450 -17.01 -10.21 17.24
C THR B 450 -17.21 -8.78 17.73
N THR B 451 -16.66 -8.44 18.88
CA THR B 451 -16.69 -7.07 19.45
C THR B 451 -15.37 -6.34 19.14
N GLU B 452 -14.41 -7.03 18.54
CA GLU B 452 -13.07 -6.49 18.21
C GLU B 452 -12.66 -6.97 16.81
N GLY B 453 -12.23 -6.04 15.95
CA GLY B 453 -11.73 -6.34 14.59
C GLY B 453 -12.87 -6.72 13.65
N ARG B 454 -12.53 -7.22 12.46
CA ARG B 454 -13.51 -7.60 11.42
C ARG B 454 -13.13 -8.99 10.88
N HIS B 455 -13.83 -10.00 11.37
CA HIS B 455 -13.61 -11.44 11.10
C HIS B 455 -14.81 -12.22 11.62
N HIS B 456 -14.83 -13.55 11.39
CA HIS B 456 -15.94 -14.45 11.77
C HIS B 456 -17.24 -13.93 11.16
N ILE B 457 -17.21 -13.60 9.86
CA ILE B 457 -18.44 -13.27 9.07
C ILE B 457 -19.40 -14.46 9.21
N THR B 458 -20.60 -14.20 9.71
CA THR B 458 -21.58 -15.25 10.13
C THR B 458 -22.97 -14.81 9.67
N ILE B 459 -23.73 -15.73 9.08
CA ILE B 459 -25.19 -15.56 8.86
C ILE B 459 -25.91 -16.11 10.08
N LYS B 460 -26.84 -15.34 10.63
CA LYS B 460 -27.68 -15.71 11.79
C LYS B 460 -29.15 -15.64 11.36
N ALA B 461 -30.00 -16.54 11.87
CA ALA B 461 -31.45 -16.58 11.59
C ALA B 461 -32.23 -16.47 12.91
N SER B 462 -33.35 -15.74 12.89
CA SER B 462 -34.32 -15.61 14.00
C SER B 462 -35.70 -16.06 13.51
N LEU B 463 -36.39 -16.88 14.32
CA LEU B 463 -37.76 -17.39 14.04
C LEU B 463 -38.81 -16.52 14.74
N ASP B 464 -38.39 -15.61 15.63
CA ASP B 464 -39.31 -14.84 16.52
C ASP B 464 -39.08 -13.33 16.32
N GLY B 465 -38.92 -12.90 15.07
CA GLY B 465 -38.85 -11.47 14.68
C GLY B 465 -37.70 -10.72 15.32
N GLY B 466 -36.56 -11.40 15.54
CA GLY B 466 -35.31 -10.79 16.01
C GLY B 466 -35.27 -10.56 17.51
N VAL B 467 -36.15 -11.22 18.28
CA VAL B 467 -36.10 -11.22 19.77
C VAL B 467 -34.94 -12.12 20.19
N THR B 468 -34.79 -13.27 19.53
CA THR B 468 -33.79 -14.33 19.85
C THR B 468 -33.02 -14.73 18.60
N TRP B 469 -31.70 -14.94 18.75
CA TRP B 469 -30.78 -15.48 17.73
C TRP B 469 -30.09 -16.71 18.30
N LEU B 470 -30.71 -17.89 18.23
CA LEU B 470 -30.16 -19.16 18.78
C LEU B 470 -28.82 -19.46 18.12
N PRO B 471 -27.77 -19.78 18.91
CA PRO B 471 -26.47 -20.17 18.36
C PRO B 471 -26.52 -21.27 17.27
N ALA B 472 -27.44 -22.22 17.41
CA ALA B 472 -27.66 -23.35 16.48
C ALA B 472 -28.05 -22.85 15.08
N HIS B 473 -28.74 -21.71 14.98
CA HIS B 473 -29.27 -21.14 13.71
C HIS B 473 -28.27 -20.16 13.10
N GLN B 474 -26.99 -20.53 13.07
CA GLN B 474 -25.87 -19.65 12.60
C GLN B 474 -24.91 -20.48 11.74
N VAL B 475 -24.35 -19.87 10.70
CA VAL B 475 -23.27 -20.50 9.87
C VAL B 475 -22.09 -19.52 9.78
N LEU B 476 -20.93 -19.97 10.26
CA LEU B 476 -19.63 -19.26 10.12
C LEU B 476 -19.13 -19.47 8.68
N LEU B 477 -18.85 -18.38 7.97
CA LEU B 477 -18.36 -18.40 6.57
C LEU B 477 -16.87 -18.03 6.48
N ASP B 478 -16.38 -17.09 7.30
CA ASP B 478 -15.01 -16.53 7.13
C ASP B 478 -14.44 -16.12 8.49
N GLU B 479 -13.59 -16.97 9.08
CA GLU B 479 -13.01 -16.75 10.44
C GLU B 479 -11.77 -15.86 10.38
N GLU B 480 -11.28 -15.50 9.19
CA GLU B 480 -10.05 -14.66 9.02
C GLU B 480 -10.44 -13.21 8.76
N ASP B 481 -9.46 -12.31 8.68
CA ASP B 481 -9.62 -10.84 8.73
C ASP B 481 -10.04 -10.32 7.35
N GLY B 482 -11.01 -9.41 7.33
CA GLY B 482 -11.42 -8.67 6.13
C GLY B 482 -11.93 -7.28 6.48
N TRP B 483 -12.57 -6.59 5.54
CA TRP B 483 -13.10 -5.22 5.77
C TRP B 483 -14.53 -5.28 6.33
N GLY B 484 -15.16 -6.45 6.30
CA GLY B 484 -16.26 -6.80 7.21
C GLY B 484 -17.67 -6.56 6.67
N TYR B 485 -17.85 -5.68 5.66
CA TYR B 485 -19.20 -5.31 5.15
C TYR B 485 -19.79 -6.50 4.38
N SER B 486 -21.11 -6.68 4.47
CA SER B 486 -21.85 -7.81 3.85
C SER B 486 -23.27 -7.36 3.46
N CYS B 487 -23.92 -8.09 2.55
CA CYS B 487 -25.34 -7.86 2.21
C CYS B 487 -26.00 -9.19 1.82
N LEU B 488 -27.18 -9.46 2.38
CA LEU B 488 -27.95 -10.71 2.15
C LEU B 488 -29.05 -10.45 1.13
N SER B 489 -29.35 -11.47 0.32
CA SER B 489 -30.57 -11.55 -0.53
C SER B 489 -30.92 -13.04 -0.72
N MET B 490 -32.19 -13.40 -0.52
CA MET B 490 -32.69 -14.75 -0.87
C MET B 490 -32.52 -14.93 -2.39
N ILE B 491 -31.92 -16.05 -2.80
CA ILE B 491 -31.69 -16.42 -4.22
C ILE B 491 -32.99 -17.03 -4.74
N ASP B 492 -33.54 -17.98 -3.98
CA ASP B 492 -34.76 -18.74 -4.30
C ASP B 492 -35.43 -19.12 -2.97
N ARG B 493 -36.30 -20.12 -2.96
CA ARG B 493 -37.06 -20.54 -1.76
C ARG B 493 -36.15 -21.25 -0.74
N GLU B 494 -35.00 -21.77 -1.19
CA GLU B 494 -34.20 -22.76 -0.42
C GLU B 494 -32.82 -22.22 -0.01
N THR B 495 -32.36 -21.11 -0.60
CA THR B 495 -30.95 -20.64 -0.45
C THR B 495 -30.90 -19.12 -0.25
N VAL B 496 -30.06 -18.67 0.68
CA VAL B 496 -29.73 -17.23 0.88
C VAL B 496 -28.36 -16.96 0.23
N GLY B 497 -28.26 -15.83 -0.44
CA GLY B 497 -27.02 -15.30 -1.03
C GLY B 497 -26.41 -14.23 -0.14
N ILE B 498 -25.09 -14.25 0.02
CA ILE B 498 -24.32 -13.22 0.77
C ILE B 498 -23.23 -12.67 -0.16
N PHE B 499 -23.22 -11.35 -0.31
CA PHE B 499 -22.25 -10.57 -1.10
C PHE B 499 -21.46 -9.72 -0.10
N TYR B 500 -20.19 -10.07 0.15
CA TYR B 500 -19.44 -9.51 1.30
C TYR B 500 -17.95 -9.35 0.99
N GLU B 501 -17.33 -8.42 1.74
CA GLU B 501 -15.88 -8.20 1.82
C GLU B 501 -15.31 -9.29 2.74
N SER B 502 -14.44 -10.14 2.21
CA SER B 502 -13.95 -11.37 2.89
C SER B 502 -12.42 -11.38 2.95
N SER B 503 -11.86 -12.39 3.62
CA SER B 503 -10.39 -12.63 3.69
C SER B 503 -9.87 -13.16 2.34
N VAL B 504 -10.77 -13.54 1.41
CA VAL B 504 -10.38 -14.25 0.15
C VAL B 504 -10.69 -13.41 -1.10
N ALA B 505 -11.50 -12.35 -1.01
CA ALA B 505 -11.76 -11.42 -2.14
C ALA B 505 -12.54 -10.19 -1.68
N HIS B 506 -12.28 -9.04 -2.32
CA HIS B 506 -12.93 -7.74 -2.01
C HIS B 506 -14.46 -7.88 -2.11
N MET B 507 -14.96 -8.54 -3.16
CA MET B 507 -16.40 -8.89 -3.30
C MET B 507 -16.51 -10.40 -3.50
N THR B 508 -17.02 -11.06 -2.46
CA THR B 508 -17.18 -12.53 -2.37
C THR B 508 -18.68 -12.83 -2.37
N PHE B 509 -19.12 -13.74 -3.24
CA PHE B 509 -20.48 -14.31 -3.19
C PHE B 509 -20.41 -15.76 -2.69
N GLN B 510 -21.28 -16.08 -1.74
CA GLN B 510 -21.56 -17.47 -1.28
C GLN B 510 -23.08 -17.65 -1.25
N ALA B 511 -23.52 -18.89 -1.49
CA ALA B 511 -24.92 -19.33 -1.40
C ALA B 511 -24.99 -20.36 -0.28
N VAL B 512 -26.00 -20.26 0.59
CA VAL B 512 -26.17 -21.14 1.77
C VAL B 512 -27.62 -21.62 1.79
N LYS B 513 -27.82 -22.93 1.91
CA LYS B 513 -29.14 -23.56 2.12
C LYS B 513 -29.70 -23.05 3.45
N ILE B 514 -30.97 -22.67 3.46
CA ILE B 514 -31.75 -22.30 4.70
C ILE B 514 -31.73 -23.49 5.66
N LYS B 515 -31.76 -24.73 5.13
CA LYS B 515 -31.82 -25.98 5.93
C LYS B 515 -30.50 -26.18 6.70
N ASP B 516 -29.42 -25.52 6.27
CA ASP B 516 -28.13 -25.47 7.02
C ASP B 516 -28.26 -24.48 8.18
N LEU B 517 -28.89 -23.32 7.96
CA LEU B 517 -29.18 -22.32 9.02
C LEU B 517 -30.12 -22.91 10.06
N ILE B 518 -31.26 -23.47 9.65
CA ILE B 518 -32.40 -23.82 10.54
C ILE B 518 -32.56 -25.34 10.62
N ARG B 519 -32.10 -25.94 11.72
CA ARG B 519 -32.13 -27.40 12.03
C ARG B 519 -31.35 -28.15 10.94
N1 I2K C . 17.16 -2.03 7.60
C4 I2K C . 16.70 0.01 8.86
C5 I2K C . 17.42 -0.28 10.18
C6 I2K C . 17.77 0.86 11.16
C7 I2K C . 18.08 0.36 12.56
C8 I2K C . 15.52 1.65 7.66
C10 I2K C . 12.64 2.81 9.01
C13 I2K C . 12.33 1.08 11.28
C15 I2K C . 12.32 -0.55 14.22
C17 I2K C . 9.89 -0.19 13.50
C20 I2K C . 12.96 0.54 10.00
C21 I2K C . 15.34 3.17 7.53
C22 I2K C . 15.83 0.94 6.34
C1 I2K C . 16.92 -3.91 9.06
C2 I2K C . 17.80 -2.94 8.33
O1 I2K C . 19.01 -3.01 8.37
C3 I2K C . 17.44 -0.60 7.66
O2 I2K C . 16.56 -1.19 10.88
O3 I2K C . 18.91 1.58 10.70
O4 I2K C . 17.76 1.33 13.57
O5 I2K C . 16.55 1.42 8.65
O6 I2K C . 14.25 1.16 8.09
C9 I2K C . 13.65 1.69 9.29
O7 I2K C . 11.64 2.39 8.09
C11 I2K C . 11.98 3.25 10.34
C12 I2K C . 10.89 4.28 10.16
O8 I2K C . 11.19 5.24 9.13
O9 I2K C . 11.38 2.09 10.98
O10 I2K C . 11.68 0.02 11.93
C14 I2K C . 11.34 0.23 13.32
O11 I2K C . 12.10 -0.21 15.59
C16 I2K C . 13.78 -0.33 13.88
O12 I2K C . 14.19 1.02 14.13
O13 I2K C . 9.58 -0.33 14.88
C18 I2K C . 9.55 -1.49 12.77
O14 I2K C . 8.44 -2.11 13.41
C19 I2K C . 9.23 -1.27 11.27
O15 I2K C . 9.65 -2.02 10.44
O16 I2K C . 13.89 -0.49 10.29
O17 I2K C . 14.80 3.64 6.55
O18 I2K C . 15.69 3.89 8.44
C23 I2K C . 17.08 0.05 6.32
O19 I2K C . 16.88 -0.99 5.36
H4 I2K C . 16.52 -2.30 7.06
H6 I2K C . 15.82 -0.41 8.90
H7 I2K C . 18.26 -0.76 9.97
H9 I2K C . 17.02 1.50 11.21
H11 I2K C . 19.03 0.13 12.63
H12 I2K C . 17.55 -0.46 12.74
H15 I2K C . 13.12 3.58 8.63
H21 I2K C . 13.02 1.45 11.85
H23 I2K C . 12.14 -1.54 14.12
H28 I2K C . 9.30 0.53 13.13
H33 I2K C . 12.25 0.18 9.43
H35 I2K C . 15.93 1.62 5.63
H36 I2K C . 15.05 0.39 6.10
H1 I2K C . 15.98 -3.70 8.89
H2 I2K C . 17.09 -3.85 10.01
H3 I2K C . 17.10 -4.81 8.75
H5 I2K C . 18.40 -0.47 7.80
H8 I2K C . 15.76 -1.10 9.92
H10 I2K C . 18.96 2.35 10.97
H13 I2K C . 17.78 0.94 14.02
H14 I2K C . 14.36 2.05 9.88
H16 I2K C . 11.00 2.28 8.51
H17 I2K C . 12.68 3.62 10.93
H18 I2K C . 10.76 4.77 11.01
H19 I2K C . 10.05 3.83 9.94
H20 I2K C . 10.65 5.51 8.79
H22 I2K C . 11.43 1.19 13.53
H24 I2K C . 12.86 -0.02 16.05
H25 I2K C . 13.94 -0.54 12.94
H26 I2K C . 14.34 -0.93 14.43
H27 I2K C . 15.23 1.10 13.60
H29 I2K C . 8.97 -0.59 14.82
H30 I2K C . 10.33 -2.09 12.82
H31 I2K C . 9.27 -3.29 13.33
H32 I2K C . 8.69 -0.53 11.02
H34 I2K C . 14.81 -0.34 9.84
H37 I2K C . 17.85 0.60 6.01
H38 I2K C . 17.56 -1.28 5.03
N1 I2K D . -17.76 5.86 4.41
C4 I2K D . -17.07 5.01 6.68
C5 I2K D . -17.85 5.87 7.68
C6 I2K D . -18.45 5.20 8.92
C7 I2K D . -19.05 6.19 9.90
C8 I2K D . -15.79 2.98 6.65
C10 I2K D . -13.37 2.96 8.96
C13 I2K D . -13.10 5.77 9.54
C15 I2K D . -12.04 8.97 10.83
C17 I2K D . -10.26 7.17 10.47
C20 I2K D . -13.44 5.31 8.13
C21 I2K D . -15.70 1.57 7.27
C22 I2K D . -15.99 3.00 5.13
C1 I2K D . -18.74 7.97 3.79
C2 I2K D . -17.85 7.16 4.68
O1 I2K D . -17.19 7.70 5.57
C3 I2K D . -17.83 4.75 5.37
O2 I2K D . -17.00 6.94 8.10
O3 I2K D . -19.48 4.30 8.54
O4 I2K D . -18.24 6.31 11.08
O5 I2K D . -16.82 3.73 7.31
O6 I2K D . -14.51 3.55 6.89
C9 I2K D . -14.19 3.99 8.22
O7 I2K D . -12.21 2.62 8.21
C11 I2K D . -12.97 3.52 10.34
C12 I2K D . -12.04 2.60 11.11
O8 I2K D . -10.96 2.14 10.32
O9 I2K D . -12.29 4.80 10.18
O10 I2K D . -12.42 7.00 9.45
C14 I2K D . -11.75 7.47 10.64
O11 I2K D . -11.22 9.48 11.89
C16 I2K D . -13.50 9.32 11.13
O12 I2K D . -14.29 8.15 11.37
O13 I2K D . -9.56 7.64 11.63
C18 I2K D . -9.62 7.79 9.22
O14 I2K D . -8.24 7.98 9.46
C19 I2K D . -9.84 6.94 7.95
O15 I2K D . -10.04 7.48 6.90
O16 I2K D . -14.19 6.29 7.43
O17 I2K D . -15.16 0.67 6.69
O18 I2K D . -16.14 1.39 8.38
C23 I2K D . -17.38 3.46 4.69
O19 I2K D . -17.35 3.62 3.28
H4 I2K D . -17.66 5.64 3.56
H6 I2K D . -16.22 5.44 6.49
H7 I2K D . -18.60 6.29 7.17
H9 I2K D . -17.74 4.68 9.39
H11 I2K D . -19.95 5.90 10.17
H12 I2K D . -19.12 7.07 9.48
H15 I2K D . -13.90 2.15 9.10
H21 I2K D . -13.93 5.88 10.04
H23 I2K D . -11.80 9.45 9.99
H28 I2K D . -10.13 6.19 10.42
H33 I2K D . -12.59 5.16 7.64
H35 I2K D . -15.82 2.10 4.77
H36 I2K D . -15.32 3.60 4.74
H1 I2K D . -19.09 7.41 3.08
H2 I2K D . -18.23 8.69 3.39
H3 I2K D . -19.48 8.33 4.29
H5 I2K D . -18.78 4.63 5.61
H8 I2K D . -16.24 6.84 7.70
H10 I2K D . -19.81 3.93 9.24
H13 I2K D . -18.59 6.86 11.61
H14 I2K D . -15.03 4.15 8.72
H16 I2K D . -11.48 2.86 8.54
H17 I2K D . -13.79 3.66 10.87
H18 I2K D . -12.55 1.83 11.44
H19 I2K D . -11.69 3.09 11.89
H20 I2K D . -10.20 2.05 10.79
H22 I2K D . -12.08 6.98 11.43
H24 I2K D . -11.20 10.17 12.12
H25 I2K D . -13.87 9.81 10.37
H26 I2K D . -13.53 9.89 11.93
H27 I2K D . -14.99 8.46 11.60
H29 I2K D . -8.71 7.09 11.38
H30 I2K D . -10.03 8.68 9.06
H31 I2K D . -7.90 8.73 9.00
H32 I2K D . -9.80 6.00 8.01
H34 I2K D . -14.95 6.00 7.14
H37 I2K D . -18.03 2.74 4.92
H38 I2K D . -18.08 3.95 2.98
#